data_3D1E
#
_entry.id   3D1E
#
_cell.length_a   40.139
_cell.length_b   69.869
_cell.length_c   73.119
_cell.angle_alpha   112.890
_cell.angle_beta   91.080
_cell.angle_gamma   99.280
#
_symmetry.space_group_name_H-M   'P 1'
#
loop_
_entity.id
_entity.type
_entity.pdbx_description
1 polymer 'DNA polymerase III subunit beta'
2 polymer 'decamer from polymerase II C-terminal'
3 water water
#
loop_
_entity_poly.entity_id
_entity_poly.type
_entity_poly.pdbx_seq_one_letter_code
_entity_poly.pdbx_strand_id
1 'polypeptide(L)'
;MKFTVEREHLLKPLQQVSGPLGGRPTLPILGNLLLQVADGTLSLTGTDLEMEMVARVALVQPHEPGATTVPARKFFDICR
GLPEGAEIAVQLEGERMLVRSGRSRFSLSTLPAADFPNLDDWQSEVEFTLPQATMKRLIEATQFSMAHQDVRYYLNGMLF
ETEGEELRTVATDGHRLAVCSMPIGQSLPSHSVIVPRKGVIELMRMLDGGDNPLRVQIGSNNIRAHVGDFIFTSKLVDGR
FPDYRRVLPKNPDKHLEAGCDLLKQAFARAAILSNEKFRGVRLYVSENQLKITANNPEQEEAEEILDVTYSGAEMEIGFN
VSYVLDVLNALKCENVRMMLTDSVSSVQIEDAASQSAAYVVMPMRL
;
A,B
2 'polypeptide(L)' TLMTGQLGLF P
#
# COMPACT_ATOMS: atom_id res chain seq x y z
N MET A 1 -6.72 20.87 -33.53
CA MET A 1 -6.37 19.46 -33.24
C MET A 1 -7.64 18.68 -32.91
N LYS A 2 -7.80 17.52 -33.51
CA LYS A 2 -8.98 16.71 -33.27
C LYS A 2 -8.74 15.22 -33.44
N PHE A 3 -9.31 14.42 -32.55
CA PHE A 3 -9.18 12.98 -32.66
C PHE A 3 -10.20 12.22 -31.84
N THR A 4 -10.59 11.06 -32.36
CA THR A 4 -11.52 10.18 -31.69
C THR A 4 -10.77 8.86 -31.60
N VAL A 5 -10.83 8.21 -30.44
CA VAL A 5 -10.14 6.95 -30.27
C VAL A 5 -10.70 6.16 -29.10
N GLU A 6 -10.57 4.84 -29.18
CA GLU A 6 -11.05 3.96 -28.12
C GLU A 6 -10.32 4.18 -26.81
N ARG A 7 -11.10 4.11 -25.73
CA ARG A 7 -10.58 4.27 -24.38
C ARG A 7 -9.38 3.36 -24.10
N GLU A 8 -9.52 2.07 -24.40
CA GLU A 8 -8.43 1.12 -24.14
C GLU A 8 -7.14 1.41 -24.91
N HIS A 9 -7.24 2.17 -25.99
CA HIS A 9 -6.05 2.51 -26.78
C HIS A 9 -5.29 3.67 -26.15
N LEU A 10 -5.92 4.33 -25.17
CA LEU A 10 -5.31 5.48 -24.50
C LEU A 10 -4.80 5.19 -23.10
N LEU A 11 -5.44 4.25 -22.41
CA LEU A 11 -5.07 3.91 -21.04
C LEU A 11 -3.59 3.65 -20.79
N LYS A 12 -3.03 2.61 -21.40
CA LYS A 12 -1.62 2.29 -21.20
C LYS A 12 -0.73 3.47 -21.58
N PRO A 13 -0.98 4.08 -22.75
CA PRO A 13 -0.14 5.22 -23.14
C PRO A 13 -0.19 6.32 -22.09
N LEU A 14 -1.40 6.63 -21.62
CA LEU A 14 -1.57 7.67 -20.61
C LEU A 14 -0.87 7.28 -19.33
N GLN A 15 -0.99 6.01 -18.95
CA GLN A 15 -0.35 5.52 -17.75
C GLN A 15 1.16 5.66 -17.85
N GLN A 16 1.72 5.21 -18.97
CA GLN A 16 3.16 5.27 -19.20
C GLN A 16 3.74 6.68 -19.26
N VAL A 17 3.09 7.57 -20.00
CA VAL A 17 3.57 8.95 -20.13
C VAL A 17 3.43 9.77 -18.86
N SER A 18 2.52 9.35 -17.98
CA SER A 18 2.33 10.08 -16.73
C SER A 18 3.37 9.62 -15.71
N GLY A 19 4.21 8.67 -16.13
CA GLY A 19 5.25 8.15 -15.27
C GLY A 19 6.28 9.16 -14.80
N PRO A 20 6.88 9.94 -15.72
CA PRO A 20 7.89 10.93 -15.33
C PRO A 20 7.38 12.08 -14.45
N LEU A 21 6.07 12.21 -14.34
CA LEU A 21 5.49 13.29 -13.54
C LEU A 21 5.48 12.98 -12.04
N GLY A 22 6.10 13.87 -11.26
CA GLY A 22 6.13 13.70 -9.83
C GLY A 22 5.02 14.53 -9.22
N GLY A 23 3.82 14.39 -9.78
CA GLY A 23 2.68 15.16 -9.32
C GLY A 23 2.74 16.56 -9.89
N ARG A 24 2.69 17.55 -9.01
CA ARG A 24 2.76 18.95 -9.41
C ARG A 24 4.01 19.55 -8.78
N PRO A 25 5.20 19.16 -9.28
CA PRO A 25 6.49 19.65 -8.77
C PRO A 25 6.84 21.05 -9.21
N THR A 26 7.82 21.14 -10.12
CA THR A 26 8.31 22.41 -10.64
C THR A 26 7.23 23.24 -11.32
N LEU A 27 7.51 23.64 -12.55
CA LEU A 27 6.59 24.46 -13.34
C LEU A 27 5.23 23.78 -13.54
N PRO A 28 4.15 24.58 -13.62
CA PRO A 28 2.80 24.05 -13.81
C PRO A 28 2.71 23.19 -15.07
N ILE A 29 3.41 23.60 -16.11
CA ILE A 29 3.41 22.89 -17.39
C ILE A 29 3.85 21.43 -17.26
N LEU A 30 4.71 21.14 -16.29
CA LEU A 30 5.21 19.79 -16.08
C LEU A 30 4.16 18.83 -15.54
N GLY A 31 3.02 19.36 -15.12
CA GLY A 31 1.94 18.53 -14.63
C GLY A 31 1.00 18.22 -15.78
N ASN A 32 1.34 18.70 -16.97
CA ASN A 32 0.52 18.47 -18.16
C ASN A 32 1.16 17.49 -19.13
N LEU A 33 0.32 16.90 -19.97
CA LEU A 33 0.77 15.96 -20.99
C LEU A 33 0.70 16.69 -22.33
N LEU A 34 1.70 16.48 -23.17
CA LEU A 34 1.71 17.11 -24.49
C LEU A 34 0.99 16.21 -25.50
N LEU A 35 -0.06 16.73 -26.11
CA LEU A 35 -0.81 15.97 -27.09
C LEU A 35 -0.51 16.57 -28.45
N GLN A 36 -0.17 15.71 -29.40
CA GLN A 36 0.16 16.13 -30.75
C GLN A 36 -0.39 15.18 -31.80
N VAL A 37 -1.10 15.74 -32.78
CA VAL A 37 -1.64 14.94 -33.86
C VAL A 37 -0.93 15.35 -35.14
N ALA A 38 -0.24 14.40 -35.76
CA ALA A 38 0.49 14.63 -37.00
C ALA A 38 0.36 13.32 -37.78
N ASP A 39 0.07 13.42 -39.08
CA ASP A 39 -0.14 12.21 -39.88
C ASP A 39 -1.31 11.49 -39.24
N GLY A 40 -1.31 10.17 -39.30
CA GLY A 40 -2.39 9.42 -38.69
C GLY A 40 -1.94 8.95 -37.31
N THR A 41 -1.16 9.77 -36.63
CA THR A 41 -0.64 9.41 -35.30
C THR A 41 -0.84 10.43 -34.19
N LEU A 42 -1.20 9.94 -33.02
CA LEU A 42 -1.37 10.77 -31.85
C LEU A 42 -0.15 10.48 -30.96
N SER A 43 0.53 11.54 -30.54
CA SER A 43 1.69 11.41 -29.67
C SER A 43 1.38 12.03 -28.32
N LEU A 44 1.74 11.32 -27.25
CA LEU A 44 1.53 11.80 -25.90
C LEU A 44 2.89 11.85 -25.22
N THR A 45 3.18 12.96 -24.57
CA THR A 45 4.47 13.14 -23.91
C THR A 45 4.37 13.67 -22.48
N GLY A 46 5.07 12.98 -21.58
CA GLY A 46 5.10 13.39 -20.19
C GLY A 46 6.56 13.68 -19.88
N THR A 47 6.83 14.68 -19.03
CA THR A 47 8.21 14.99 -18.70
C THR A 47 8.39 15.65 -17.34
N ASP A 48 9.64 15.65 -16.87
CA ASP A 48 9.99 16.26 -15.59
C ASP A 48 11.25 17.07 -15.78
N LEU A 49 11.57 17.34 -17.05
CA LEU A 49 12.77 18.08 -17.47
C LEU A 49 13.99 17.19 -17.54
N GLU A 50 14.11 16.26 -16.59
CA GLU A 50 15.24 15.33 -16.56
C GLU A 50 15.04 14.19 -17.56
N MET A 51 13.79 13.74 -17.67
CA MET A 51 13.48 12.66 -18.59
C MET A 51 12.17 12.94 -19.33
N GLU A 52 11.87 12.06 -20.28
CA GLU A 52 10.70 12.22 -21.11
C GLU A 52 10.20 10.84 -21.53
N MET A 53 8.88 10.67 -21.59
CA MET A 53 8.30 9.40 -22.01
C MET A 53 7.30 9.73 -23.11
N VAL A 54 7.52 9.18 -24.28
CA VAL A 54 6.66 9.43 -25.43
C VAL A 54 5.88 8.21 -25.91
N ALA A 55 4.57 8.38 -26.09
CA ALA A 55 3.73 7.28 -26.57
C ALA A 55 3.13 7.70 -27.90
N ARG A 56 3.05 6.75 -28.82
CA ARG A 56 2.49 7.01 -30.13
C ARG A 56 1.29 6.08 -30.35
N VAL A 57 0.16 6.66 -30.73
CA VAL A 57 -1.03 5.87 -30.96
C VAL A 57 -1.52 6.07 -32.38
N ALA A 58 -1.91 4.97 -33.02
CA ALA A 58 -2.42 4.99 -34.38
C ALA A 58 -3.84 5.54 -34.37
N LEU A 59 -4.11 6.48 -35.27
CA LEU A 59 -5.43 7.07 -35.38
C LEU A 59 -6.14 6.49 -36.60
N VAL A 60 -7.04 5.54 -36.36
CA VAL A 60 -7.77 4.88 -37.43
C VAL A 60 -9.03 5.64 -37.81
N GLN A 61 -9.47 6.56 -36.95
CA GLN A 61 -10.66 7.35 -37.20
C GLN A 61 -10.26 8.76 -37.68
N PRO A 62 -11.20 9.52 -38.26
CA PRO A 62 -10.90 10.87 -38.75
C PRO A 62 -10.24 11.73 -37.68
N HIS A 63 -9.29 12.57 -38.11
CA HIS A 63 -8.56 13.44 -37.19
C HIS A 63 -8.06 14.70 -37.88
N GLU A 64 -7.69 15.70 -37.07
CA GLU A 64 -7.16 16.96 -37.57
C GLU A 64 -5.88 17.22 -36.80
N PRO A 65 -4.83 17.68 -37.48
CA PRO A 65 -3.54 17.97 -36.82
C PRO A 65 -3.53 19.18 -35.88
N GLY A 66 -2.62 19.15 -34.92
CA GLY A 66 -2.49 20.23 -33.97
C GLY A 66 -1.87 19.75 -32.67
N ALA A 67 -1.61 20.67 -31.76
CA ALA A 67 -1.01 20.31 -30.49
C ALA A 67 -1.47 21.21 -29.37
N THR A 68 -1.42 20.68 -28.15
CA THR A 68 -1.80 21.41 -26.95
C THR A 68 -1.32 20.56 -25.77
N THR A 69 -1.47 21.09 -24.56
CA THR A 69 -1.07 20.34 -23.37
C THR A 69 -2.24 20.42 -22.40
N VAL A 70 -2.46 19.34 -21.65
CA VAL A 70 -3.55 19.28 -20.69
C VAL A 70 -3.10 18.60 -19.40
N PRO A 71 -3.81 18.86 -18.29
CA PRO A 71 -3.46 18.26 -17.00
C PRO A 71 -3.44 16.73 -17.12
N ALA A 72 -2.27 16.13 -16.90
CA ALA A 72 -2.11 14.69 -17.02
C ALA A 72 -3.08 13.87 -16.19
N ARG A 73 -2.99 14.03 -14.87
CA ARG A 73 -3.84 13.31 -13.93
C ARG A 73 -5.34 13.36 -14.24
N LYS A 74 -5.86 14.55 -14.53
CA LYS A 74 -7.29 14.70 -14.82
C LYS A 74 -7.71 14.01 -16.11
N PHE A 75 -6.93 14.22 -17.17
CA PHE A 75 -7.24 13.61 -18.46
C PHE A 75 -7.22 12.09 -18.32
N PHE A 76 -6.22 11.57 -17.64
CA PHE A 76 -6.12 10.13 -17.43
C PHE A 76 -7.29 9.62 -16.59
N ASP A 77 -7.59 10.31 -15.50
CA ASP A 77 -8.70 9.89 -14.65
C ASP A 77 -10.02 9.91 -15.41
N ILE A 78 -10.18 10.90 -16.29
CA ILE A 78 -11.41 11.00 -17.07
C ILE A 78 -11.54 9.80 -18.00
N CYS A 79 -10.47 9.52 -18.74
CA CYS A 79 -10.45 8.39 -19.67
C CYS A 79 -10.66 7.07 -18.94
N ARG A 80 -9.98 6.91 -17.80
CA ARG A 80 -10.09 5.69 -17.00
C ARG A 80 -11.49 5.57 -16.40
N GLY A 81 -12.07 6.71 -16.03
CA GLY A 81 -13.39 6.73 -15.42
C GLY A 81 -14.54 6.44 -16.35
N LEU A 82 -14.32 6.53 -17.67
CA LEU A 82 -15.38 6.25 -18.64
C LEU A 82 -15.56 4.74 -18.78
N PRO A 83 -16.73 4.30 -19.26
CA PRO A 83 -17.01 2.86 -19.42
C PRO A 83 -16.11 2.15 -20.44
N GLU A 84 -15.95 0.85 -20.26
CA GLU A 84 -15.13 0.06 -21.16
C GLU A 84 -15.71 0.07 -22.57
N GLY A 85 -14.84 0.21 -23.56
CA GLY A 85 -15.28 0.24 -24.94
C GLY A 85 -15.73 1.64 -25.36
N ALA A 86 -15.48 2.61 -24.49
CA ALA A 86 -15.88 3.98 -24.75
C ALA A 86 -15.08 4.67 -25.85
N GLU A 87 -15.79 5.41 -26.69
CA GLU A 87 -15.17 6.17 -27.78
C GLU A 87 -14.93 7.54 -27.19
N ILE A 88 -13.69 8.02 -27.29
CA ILE A 88 -13.36 9.32 -26.74
C ILE A 88 -13.00 10.32 -27.83
N ALA A 89 -13.85 11.33 -28.00
CA ALA A 89 -13.65 12.37 -28.99
C ALA A 89 -13.02 13.57 -28.29
N VAL A 90 -11.89 14.04 -28.83
CA VAL A 90 -11.18 15.18 -28.26
C VAL A 90 -10.99 16.25 -29.33
N GLN A 91 -11.24 17.50 -28.94
CA GLN A 91 -11.06 18.62 -29.85
C GLN A 91 -10.61 19.84 -29.07
N LEU A 92 -9.64 20.56 -29.62
CA LEU A 92 -9.12 21.76 -28.97
C LEU A 92 -10.05 22.95 -29.26
N GLU A 93 -10.47 23.62 -28.20
CA GLU A 93 -11.36 24.76 -28.30
C GLU A 93 -10.67 25.99 -27.71
N GLY A 94 -9.79 26.60 -28.48
CA GLY A 94 -9.08 27.77 -27.99
C GLY A 94 -8.24 27.48 -26.75
N GLU A 95 -8.66 28.04 -25.62
CA GLU A 95 -7.93 27.86 -24.37
C GLU A 95 -8.24 26.60 -23.59
N ARG A 96 -9.24 25.85 -24.05
CA ARG A 96 -9.61 24.61 -23.37
C ARG A 96 -9.74 23.46 -24.35
N MET A 97 -9.65 22.25 -23.83
CA MET A 97 -9.76 21.06 -24.66
C MET A 97 -11.04 20.34 -24.25
N LEU A 98 -11.88 20.09 -25.24
CA LEU A 98 -13.13 19.41 -24.99
C LEU A 98 -13.01 17.92 -25.21
N VAL A 99 -13.39 17.16 -24.19
CA VAL A 99 -13.35 15.71 -24.25
C VAL A 99 -14.81 15.27 -24.17
N ARG A 100 -15.22 14.42 -25.10
CA ARG A 100 -16.60 13.95 -25.15
C ARG A 100 -16.69 12.44 -25.34
N SER A 101 -17.64 11.82 -24.65
CA SER A 101 -17.88 10.39 -24.77
C SER A 101 -19.29 10.11 -24.29
N GLY A 102 -20.10 9.51 -25.16
CA GLY A 102 -21.49 9.22 -24.82
C GLY A 102 -22.19 10.52 -24.52
N ARG A 103 -22.65 10.67 -23.28
CA ARG A 103 -23.30 11.89 -22.86
C ARG A 103 -22.50 12.51 -21.71
N SER A 104 -21.19 12.26 -21.75
CA SER A 104 -20.26 12.81 -20.76
C SER A 104 -19.45 13.88 -21.48
N ARG A 105 -19.35 15.06 -20.89
CA ARG A 105 -18.59 16.17 -21.46
C ARG A 105 -17.60 16.72 -20.45
N PHE A 106 -16.40 17.05 -20.93
CA PHE A 106 -15.36 17.59 -20.07
C PHE A 106 -14.56 18.66 -20.81
N SER A 107 -14.35 19.80 -20.14
CA SER A 107 -13.56 20.89 -20.70
C SER A 107 -12.36 21.04 -19.79
N LEU A 108 -11.17 20.78 -20.34
CA LEU A 108 -9.92 20.88 -19.61
C LEU A 108 -9.13 22.14 -19.98
N SER A 109 -8.45 22.72 -19.01
CA SER A 109 -7.65 23.92 -19.26
C SER A 109 -6.37 23.50 -19.99
N THR A 110 -5.80 24.41 -20.77
CA THR A 110 -4.60 24.10 -21.52
C THR A 110 -3.44 25.06 -21.28
N LEU A 111 -2.31 24.70 -21.87
CA LEU A 111 -1.08 25.50 -21.82
C LEU A 111 -0.47 25.26 -23.19
N PRO A 112 -0.03 26.34 -23.86
CA PRO A 112 0.59 26.29 -25.18
C PRO A 112 1.56 25.12 -25.37
N ALA A 113 1.35 24.37 -26.44
CA ALA A 113 2.22 23.25 -26.76
C ALA A 113 3.61 23.79 -27.04
N ALA A 114 3.66 25.03 -27.53
CA ALA A 114 4.93 25.67 -27.86
C ALA A 114 5.78 25.90 -26.61
N ASP A 115 5.17 25.83 -25.44
CA ASP A 115 5.90 26.04 -24.20
C ASP A 115 6.22 24.76 -23.42
N PHE A 116 5.91 23.61 -24.01
CA PHE A 116 6.17 22.35 -23.35
C PHE A 116 7.67 22.00 -23.37
N PRO A 117 8.25 21.69 -22.20
CA PRO A 117 9.67 21.34 -22.11
C PRO A 117 10.00 20.17 -23.03
N ASN A 118 11.13 20.28 -23.74
CA ASN A 118 11.54 19.21 -24.64
C ASN A 118 13.05 19.07 -24.57
N LEU A 119 13.53 17.83 -24.51
CA LEU A 119 14.96 17.61 -24.46
C LEU A 119 15.56 18.02 -25.79
N ASP A 120 16.61 18.83 -25.73
CA ASP A 120 17.27 19.29 -26.95
C ASP A 120 17.74 18.09 -27.75
N ASP A 121 17.87 18.28 -29.06
CA ASP A 121 18.32 17.20 -29.92
C ASP A 121 19.73 16.79 -29.50
N TRP A 122 20.06 15.53 -29.72
CA TRP A 122 21.36 14.98 -29.40
C TRP A 122 21.63 13.86 -30.39
N GLN A 123 22.85 13.35 -30.40
CA GLN A 123 23.22 12.27 -31.30
C GLN A 123 23.65 11.02 -30.53
N SER A 124 23.18 9.86 -30.94
CA SER A 124 23.59 8.64 -30.24
C SER A 124 24.97 8.26 -30.75
N GLU A 125 25.77 7.63 -29.88
CA GLU A 125 27.11 7.20 -30.25
C GLU A 125 27.20 5.68 -30.15
N VAL A 126 26.23 5.08 -29.48
CA VAL A 126 26.18 3.64 -29.29
C VAL A 126 24.75 3.18 -29.45
N GLU A 127 24.56 2.09 -30.17
CA GLU A 127 23.23 1.54 -30.39
C GLU A 127 23.22 0.02 -30.39
N PHE A 128 22.20 -0.56 -29.77
CA PHE A 128 22.07 -2.01 -29.71
C PHE A 128 20.66 -2.41 -29.29
N THR A 129 20.27 -3.64 -29.62
CA THR A 129 18.96 -4.14 -29.26
C THR A 129 19.16 -5.34 -28.35
N LEU A 130 18.27 -5.50 -27.37
CA LEU A 130 18.38 -6.62 -26.45
C LEU A 130 17.00 -6.95 -25.92
N PRO A 131 16.81 -8.21 -25.49
CA PRO A 131 15.51 -8.65 -24.96
C PRO A 131 15.10 -7.80 -23.75
N GLN A 132 13.80 -7.55 -23.62
CA GLN A 132 13.29 -6.78 -22.49
C GLN A 132 13.70 -7.43 -21.17
N ALA A 133 13.53 -8.75 -21.08
CA ALA A 133 13.86 -9.51 -19.87
C ALA A 133 15.30 -9.33 -19.44
N THR A 134 16.20 -9.15 -20.40
CA THR A 134 17.60 -8.96 -20.09
C THR A 134 17.82 -7.62 -19.40
N MET A 135 17.23 -6.56 -19.96
CA MET A 135 17.35 -5.24 -19.36
C MET A 135 16.72 -5.27 -17.97
N LYS A 136 15.64 -6.06 -17.83
CA LYS A 136 14.94 -6.19 -16.55
C LYS A 136 15.86 -6.86 -15.53
N ARG A 137 16.50 -7.94 -15.92
CA ARG A 137 17.41 -8.65 -15.04
C ARG A 137 18.53 -7.71 -14.59
N LEU A 138 19.12 -6.99 -15.55
CA LEU A 138 20.20 -6.06 -15.25
C LEU A 138 19.86 -5.01 -14.21
N ILE A 139 18.70 -4.39 -14.33
CA ILE A 139 18.30 -3.36 -13.38
C ILE A 139 17.93 -3.93 -12.03
N GLU A 140 17.04 -4.92 -12.02
CA GLU A 140 16.61 -5.52 -10.76
C GLU A 140 17.78 -6.06 -9.94
N ALA A 141 18.74 -6.67 -10.61
CA ALA A 141 19.88 -7.25 -9.93
C ALA A 141 20.75 -6.26 -9.17
N THR A 142 20.67 -4.97 -9.51
CA THR A 142 21.52 -3.95 -8.86
C THR A 142 20.85 -2.70 -8.32
N GLN A 143 19.61 -2.44 -8.71
CA GLN A 143 18.88 -1.25 -8.29
C GLN A 143 18.88 -0.93 -6.79
N PHE A 144 18.67 -1.95 -5.97
CA PHE A 144 18.62 -1.78 -4.52
C PHE A 144 19.89 -1.21 -3.91
N SER A 145 21.01 -1.27 -4.64
CA SER A 145 22.27 -0.77 -4.13
C SER A 145 22.64 0.68 -4.48
N MET A 146 21.79 1.36 -5.23
CA MET A 146 22.05 2.75 -5.58
C MET A 146 21.86 3.58 -4.32
N ALA A 147 22.61 4.67 -4.20
CA ALA A 147 22.48 5.56 -3.06
C ALA A 147 21.17 6.30 -3.29
N HIS A 148 20.63 6.93 -2.26
CA HIS A 148 19.37 7.63 -2.39
C HIS A 148 19.48 9.15 -2.52
N GLN A 149 19.97 9.80 -1.48
CA GLN A 149 20.14 11.26 -1.50
C GLN A 149 21.53 11.60 -1.00
N ASP A 150 22.51 10.88 -1.52
CA ASP A 150 23.91 11.07 -1.15
C ASP A 150 24.46 12.34 -1.77
N VAL A 151 25.37 13.01 -1.06
CA VAL A 151 25.98 14.23 -1.57
C VAL A 151 26.59 13.95 -2.94
N ARG A 152 27.36 12.87 -3.03
CA ARG A 152 27.98 12.49 -4.30
C ARG A 152 26.84 12.00 -5.19
N TYR A 153 26.10 12.94 -5.76
CA TYR A 153 24.94 12.60 -6.59
C TYR A 153 25.19 11.53 -7.64
N TYR A 154 26.42 11.39 -8.10
CA TYR A 154 26.71 10.38 -9.10
C TYR A 154 26.48 8.96 -8.58
N LEU A 155 26.28 8.83 -7.28
CA LEU A 155 26.02 7.52 -6.66
C LEU A 155 24.51 7.29 -6.60
N ASN A 156 23.75 8.38 -6.74
CA ASN A 156 22.29 8.33 -6.70
C ASN A 156 21.74 7.85 -8.03
N GLY A 157 22.57 7.14 -8.78
CA GLY A 157 22.14 6.64 -10.07
C GLY A 157 22.72 5.27 -10.33
N MET A 158 22.56 4.78 -11.54
CA MET A 158 23.07 3.47 -11.92
C MET A 158 24.00 3.59 -13.13
N LEU A 159 25.14 2.91 -13.04
CA LEU A 159 26.10 2.93 -14.14
C LEU A 159 25.70 1.89 -15.17
N PHE A 160 25.74 2.29 -16.44
CA PHE A 160 25.44 1.40 -17.55
C PHE A 160 26.70 1.37 -18.40
N GLU A 161 27.30 0.19 -18.50
CA GLU A 161 28.54 0.06 -19.25
C GLU A 161 28.48 -0.96 -20.38
N THR A 162 28.99 -0.56 -21.54
CA THR A 162 29.05 -1.44 -22.70
C THR A 162 30.52 -1.83 -22.76
N GLU A 163 30.79 -3.13 -22.76
CA GLU A 163 32.16 -3.62 -22.81
C GLU A 163 32.17 -4.99 -23.47
N GLY A 164 32.83 -5.08 -24.61
CA GLY A 164 32.89 -6.35 -25.32
C GLY A 164 31.53 -6.69 -25.92
N GLU A 165 31.05 -7.90 -25.63
CA GLU A 165 29.76 -8.33 -26.13
C GLU A 165 28.77 -8.31 -24.97
N GLU A 166 28.98 -7.39 -24.03
CA GLU A 166 28.11 -7.31 -22.86
C GLU A 166 27.70 -5.92 -22.40
N LEU A 167 26.55 -5.87 -21.72
CA LEU A 167 26.02 -4.65 -21.16
C LEU A 167 26.08 -4.90 -19.66
N ARG A 168 26.58 -3.92 -18.91
CA ARG A 168 26.69 -4.09 -17.47
C ARG A 168 26.10 -2.93 -16.68
N THR A 169 25.57 -3.25 -15.49
CA THR A 169 25.02 -2.23 -14.62
C THR A 169 25.77 -2.29 -13.30
N VAL A 170 26.01 -1.12 -12.72
CA VAL A 170 26.72 -1.05 -11.45
C VAL A 170 26.02 -0.04 -10.55
N ALA A 171 25.87 -0.39 -9.28
CA ALA A 171 25.23 0.48 -8.30
C ALA A 171 25.90 0.29 -6.96
N THR A 172 26.09 1.39 -6.24
CA THR A 172 26.72 1.33 -4.93
C THR A 172 26.40 2.61 -4.17
N ASP A 173 26.36 2.52 -2.84
CA ASP A 173 26.07 3.67 -2.02
C ASP A 173 27.23 3.97 -1.07
N GLY A 174 28.36 3.32 -1.32
CA GLY A 174 29.52 3.53 -0.46
C GLY A 174 29.70 2.46 0.60
N HIS A 175 28.63 1.75 0.93
CA HIS A 175 28.68 0.68 1.93
C HIS A 175 28.57 -0.67 1.26
N ARG A 176 27.72 -0.76 0.24
CA ARG A 176 27.55 -1.99 -0.50
C ARG A 176 27.52 -1.72 -1.99
N LEU A 177 27.78 -2.76 -2.79
CA LEU A 177 27.80 -2.61 -4.24
C LEU A 177 27.23 -3.80 -4.97
N ALA A 178 26.66 -3.52 -6.13
CA ALA A 178 26.08 -4.55 -6.97
C ALA A 178 26.53 -4.35 -8.42
N VAL A 179 26.91 -5.42 -9.07
CA VAL A 179 27.35 -5.35 -10.45
C VAL A 179 26.77 -6.57 -11.16
N CYS A 180 26.28 -6.35 -12.37
CA CYS A 180 25.69 -7.42 -13.15
C CYS A 180 25.94 -7.17 -14.63
N SER A 181 26.25 -8.22 -15.37
CA SER A 181 26.50 -8.11 -16.80
C SER A 181 25.84 -9.24 -17.59
N MET A 182 25.37 -8.90 -18.79
CA MET A 182 24.71 -9.84 -19.67
C MET A 182 25.24 -9.64 -21.09
N PRO A 183 25.27 -10.71 -21.90
CA PRO A 183 25.77 -10.63 -23.27
C PRO A 183 24.62 -10.30 -24.23
N ILE A 184 24.87 -9.44 -25.20
CA ILE A 184 23.84 -9.08 -26.17
C ILE A 184 24.21 -9.49 -27.59
N GLY A 185 25.26 -10.30 -27.71
CA GLY A 185 25.70 -10.78 -29.01
C GLY A 185 26.16 -9.73 -30.01
N GLN A 186 26.32 -8.49 -29.57
CA GLN A 186 26.77 -7.42 -30.46
C GLN A 186 28.08 -6.82 -30.01
N SER A 187 29.02 -6.66 -30.94
CA SER A 187 30.30 -6.07 -30.63
C SER A 187 29.99 -4.61 -30.29
N LEU A 188 30.43 -4.16 -29.12
CA LEU A 188 30.14 -2.80 -28.70
C LEU A 188 31.35 -1.99 -28.27
N PRO A 189 31.32 -0.68 -28.52
CA PRO A 189 32.44 0.19 -28.13
C PRO A 189 32.39 0.29 -26.61
N SER A 190 33.51 0.65 -25.99
CA SER A 190 33.51 0.79 -24.55
C SER A 190 32.95 2.15 -24.19
N HIS A 191 31.86 2.16 -23.43
CA HIS A 191 31.21 3.40 -23.04
C HIS A 191 30.58 3.22 -21.65
N SER A 192 30.60 4.27 -20.84
CA SER A 192 30.02 4.21 -19.50
C SER A 192 29.24 5.47 -19.22
N VAL A 193 28.00 5.32 -18.76
CA VAL A 193 27.17 6.48 -18.42
C VAL A 193 26.38 6.20 -17.16
N ILE A 194 26.01 7.26 -16.46
CA ILE A 194 25.24 7.14 -15.23
C ILE A 194 23.80 7.59 -15.48
N VAL A 195 22.85 6.71 -15.19
CA VAL A 195 21.44 7.03 -15.38
C VAL A 195 20.87 7.47 -14.04
N PRO A 196 20.13 8.59 -14.02
CA PRO A 196 19.54 9.10 -12.78
C PRO A 196 18.57 8.08 -12.19
N ARG A 197 18.50 8.06 -10.85
CA ARG A 197 17.61 7.14 -10.13
C ARG A 197 16.22 7.02 -10.75
N LYS A 198 15.58 8.17 -10.98
CA LYS A 198 14.24 8.19 -11.55
C LYS A 198 14.19 7.61 -12.96
N GLY A 199 15.28 7.76 -13.70
CA GLY A 199 15.33 7.23 -15.05
C GLY A 199 15.33 5.71 -15.01
N VAL A 200 16.08 5.16 -14.04
CA VAL A 200 16.16 3.71 -13.89
C VAL A 200 14.78 3.13 -13.61
N ILE A 201 14.05 3.79 -12.71
CA ILE A 201 12.71 3.36 -12.35
C ILE A 201 11.78 3.43 -13.55
N GLU A 202 11.82 4.55 -14.27
CA GLU A 202 10.98 4.72 -15.43
C GLU A 202 11.29 3.66 -16.48
N LEU A 203 12.57 3.39 -16.69
CA LEU A 203 13.00 2.39 -17.66
C LEU A 203 12.45 1.03 -17.27
N MET A 204 12.62 0.70 -15.99
CA MET A 204 12.15 -0.57 -15.45
C MET A 204 10.64 -0.71 -15.66
N ARG A 205 9.90 0.29 -15.21
CA ARG A 205 8.45 0.31 -15.34
C ARG A 205 7.96 0.26 -16.80
N MET A 206 8.82 0.69 -17.71
CA MET A 206 8.49 0.71 -19.14
C MET A 206 8.49 -0.66 -19.81
N LEU A 207 8.97 -1.69 -19.11
CA LEU A 207 9.01 -3.03 -19.69
C LEU A 207 7.70 -3.79 -19.43
N ASP A 208 7.10 -4.33 -20.49
CA ASP A 208 5.84 -5.07 -20.36
C ASP A 208 6.07 -6.57 -20.39
N GLY A 209 7.32 -6.98 -20.19
CA GLY A 209 7.65 -8.41 -20.20
C GLY A 209 7.29 -9.06 -21.51
N GLY A 210 7.00 -8.24 -22.52
CA GLY A 210 6.65 -8.77 -23.82
C GLY A 210 7.84 -9.40 -24.51
N ASP A 211 7.64 -9.87 -25.73
CA ASP A 211 8.70 -10.51 -26.50
C ASP A 211 9.43 -9.47 -27.34
N ASN A 212 8.70 -8.41 -27.70
CA ASN A 212 9.27 -7.33 -28.51
C ASN A 212 10.54 -6.83 -27.85
N PRO A 213 11.64 -6.77 -28.63
CA PRO A 213 12.94 -6.31 -28.12
C PRO A 213 12.98 -4.83 -27.75
N LEU A 214 14.09 -4.45 -27.12
CA LEU A 214 14.30 -3.08 -26.68
C LEU A 214 15.47 -2.49 -27.45
N ARG A 215 15.25 -1.32 -28.04
CA ARG A 215 16.29 -0.62 -28.79
C ARG A 215 16.87 0.47 -27.91
N VAL A 216 18.16 0.37 -27.62
CA VAL A 216 18.83 1.35 -26.79
C VAL A 216 19.76 2.24 -27.59
N GLN A 217 19.73 3.55 -27.32
CA GLN A 217 20.59 4.51 -27.98
C GLN A 217 21.25 5.35 -26.90
N ILE A 218 22.59 5.43 -26.93
CA ILE A 218 23.32 6.19 -25.93
C ILE A 218 24.17 7.31 -26.53
N GLY A 219 24.09 8.48 -25.92
CA GLY A 219 24.86 9.61 -26.39
C GLY A 219 25.74 10.11 -25.26
N SER A 220 26.47 11.20 -25.50
CA SER A 220 27.35 11.77 -24.49
C SER A 220 26.61 12.34 -23.28
N ASN A 221 25.35 12.72 -23.46
CA ASN A 221 24.59 13.31 -22.35
C ASN A 221 23.16 12.79 -22.22
N ASN A 222 22.82 11.77 -22.99
CA ASN A 222 21.47 11.22 -22.92
C ASN A 222 21.44 9.72 -23.20
N ILE A 223 20.33 9.10 -22.81
CA ILE A 223 20.12 7.69 -23.09
C ILE A 223 18.67 7.58 -23.55
N ARG A 224 18.41 6.69 -24.50
CA ARG A 224 17.06 6.52 -25.02
C ARG A 224 16.76 5.06 -25.24
N ALA A 225 15.53 4.66 -24.94
CA ALA A 225 15.11 3.29 -25.13
C ALA A 225 13.76 3.27 -25.82
N HIS A 226 13.64 2.48 -26.88
CA HIS A 226 12.38 2.35 -27.61
C HIS A 226 11.82 0.96 -27.36
N VAL A 227 10.58 0.90 -26.89
CA VAL A 227 9.91 -0.36 -26.63
C VAL A 227 8.53 -0.24 -27.27
N GLY A 228 8.21 -1.13 -28.19
CA GLY A 228 6.91 -1.03 -28.84
C GLY A 228 6.67 0.37 -29.35
N ASP A 229 5.56 0.98 -28.94
CA ASP A 229 5.24 2.34 -29.37
C ASP A 229 5.57 3.39 -28.32
N PHE A 230 6.54 3.07 -27.46
CA PHE A 230 6.96 4.00 -26.42
C PHE A 230 8.44 4.31 -26.59
N ILE A 231 8.80 5.56 -26.33
CA ILE A 231 10.18 6.02 -26.44
C ILE A 231 10.50 6.79 -25.17
N PHE A 232 11.46 6.27 -24.42
CA PHE A 232 11.90 6.89 -23.17
C PHE A 232 13.25 7.53 -23.40
N THR A 233 13.45 8.74 -22.86
CA THR A 233 14.72 9.42 -23.03
C THR A 233 15.05 10.16 -21.74
N SER A 234 16.29 10.02 -21.26
CA SER A 234 16.71 10.69 -20.03
C SER A 234 18.10 11.29 -20.16
N LYS A 235 18.35 12.35 -19.40
CA LYS A 235 19.66 12.96 -19.41
C LYS A 235 20.50 12.00 -18.56
N LEU A 236 21.80 12.22 -18.56
CA LEU A 236 22.70 11.37 -17.79
C LEU A 236 23.30 12.20 -16.67
N VAL A 237 23.89 11.53 -15.67
CA VAL A 237 24.51 12.21 -14.55
C VAL A 237 26.01 12.32 -14.80
N ASP A 238 26.57 13.47 -14.44
CA ASP A 238 28.01 13.72 -14.63
C ASP A 238 28.81 13.32 -13.40
N GLY A 239 30.04 12.86 -13.64
CA GLY A 239 30.90 12.46 -12.55
C GLY A 239 31.50 11.08 -12.76
N ARG A 240 32.64 10.83 -12.14
CA ARG A 240 33.29 9.53 -12.27
C ARG A 240 32.70 8.57 -11.26
N PHE A 241 32.13 7.50 -11.78
CA PHE A 241 31.51 6.46 -10.98
C PHE A 241 32.63 5.51 -10.56
N PRO A 242 32.61 5.05 -9.30
CA PRO A 242 33.67 4.13 -8.87
C PRO A 242 33.82 2.90 -9.76
N ASP A 243 35.03 2.34 -9.78
CA ASP A 243 35.33 1.15 -10.58
C ASP A 243 35.07 -0.09 -9.73
N TYR A 244 34.08 -0.89 -10.13
CA TYR A 244 33.76 -2.10 -9.36
C TYR A 244 34.94 -3.06 -9.29
N ARG A 245 35.79 -3.01 -10.32
CA ARG A 245 36.95 -3.89 -10.37
C ARG A 245 37.87 -3.62 -9.17
N ARG A 246 37.86 -2.38 -8.69
CA ARG A 246 38.69 -1.97 -7.56
C ARG A 246 38.02 -2.25 -6.21
N VAL A 247 36.72 -2.55 -6.25
CA VAL A 247 35.97 -2.81 -5.02
C VAL A 247 35.84 -4.30 -4.73
N LEU A 248 35.81 -5.13 -5.76
CA LEU A 248 35.71 -6.58 -5.57
C LEU A 248 36.87 -7.03 -4.68
N PRO A 249 36.57 -7.80 -3.62
CA PRO A 249 37.63 -8.28 -2.72
C PRO A 249 38.81 -8.88 -3.50
N LYS A 250 40.03 -8.54 -3.12
CA LYS A 250 41.22 -9.04 -3.81
C LYS A 250 41.67 -10.44 -3.40
N ASN A 251 41.38 -10.84 -2.16
CA ASN A 251 41.79 -12.17 -1.71
C ASN A 251 40.74 -12.87 -0.83
N PRO A 252 39.56 -13.17 -1.40
CA PRO A 252 38.51 -13.84 -0.64
C PRO A 252 38.75 -15.35 -0.58
N ASP A 253 39.87 -15.75 0.01
CA ASP A 253 40.25 -17.15 0.13
C ASP A 253 39.24 -18.08 0.80
N LYS A 254 38.56 -17.57 1.81
CA LYS A 254 37.56 -18.36 2.53
C LYS A 254 36.24 -18.38 1.77
N HIS A 255 35.81 -19.55 1.36
CA HIS A 255 34.56 -19.69 0.61
C HIS A 255 33.49 -20.51 1.32
N LEU A 256 32.34 -19.90 1.56
CA LEU A 256 31.23 -20.57 2.21
C LEU A 256 30.07 -20.66 1.23
N GLU A 257 29.46 -21.84 1.14
CA GLU A 257 28.33 -22.03 0.26
C GLU A 257 27.16 -22.54 1.09
N ALA A 258 25.99 -21.98 0.87
CA ALA A 258 24.80 -22.36 1.62
C ALA A 258 23.52 -22.17 0.82
N GLY A 259 22.47 -22.88 1.22
CA GLY A 259 21.19 -22.74 0.54
C GLY A 259 20.69 -21.33 0.75
N CYS A 260 20.44 -20.61 -0.35
CA CYS A 260 20.00 -19.23 -0.27
C CYS A 260 18.76 -18.99 0.59
N ASP A 261 17.75 -19.85 0.49
CA ASP A 261 16.54 -19.64 1.28
C ASP A 261 16.68 -19.88 2.79
N LEU A 262 17.40 -20.92 3.19
CA LEU A 262 17.58 -21.16 4.62
C LEU A 262 18.43 -20.02 5.17
N LEU A 263 19.37 -19.53 4.36
CA LEU A 263 20.24 -18.45 4.77
C LEU A 263 19.40 -17.18 4.96
N LYS A 264 18.58 -16.86 3.96
CA LYS A 264 17.72 -15.70 4.00
C LYS A 264 16.76 -15.71 5.19
N GLN A 265 16.08 -16.84 5.40
CA GLN A 265 15.13 -16.95 6.50
C GLN A 265 15.82 -16.85 7.87
N ALA A 266 17.05 -17.36 7.96
CA ALA A 266 17.76 -17.29 9.21
C ALA A 266 18.12 -15.83 9.50
N PHE A 267 18.64 -15.13 8.49
CA PHE A 267 19.00 -13.72 8.67
C PHE A 267 17.76 -12.88 8.97
N ALA A 268 16.64 -13.25 8.35
CA ALA A 268 15.38 -12.54 8.54
C ALA A 268 14.90 -12.64 9.98
N ARG A 269 14.97 -13.84 10.57
CA ARG A 269 14.54 -14.02 11.96
C ARG A 269 15.51 -13.33 12.91
N ALA A 270 16.81 -13.46 12.64
CA ALA A 270 17.80 -12.83 13.49
C ALA A 270 17.68 -11.31 13.48
N ALA A 271 17.34 -10.74 12.33
CA ALA A 271 17.21 -9.29 12.19
C ALA A 271 16.17 -8.70 13.16
N ILE A 272 15.21 -9.52 13.57
CA ILE A 272 14.15 -9.06 14.47
C ILE A 272 14.74 -8.50 15.78
N LEU A 273 15.81 -9.13 16.27
CA LEU A 273 16.43 -8.69 17.51
C LEU A 273 17.72 -7.87 17.34
N SER A 274 17.90 -7.31 16.15
CA SER A 274 19.08 -6.49 15.87
C SER A 274 18.76 -5.04 16.21
N ASN A 275 19.80 -4.24 16.41
CA ASN A 275 19.60 -2.83 16.72
C ASN A 275 18.77 -2.20 15.60
N GLU A 276 17.68 -1.54 15.96
CA GLU A 276 16.82 -0.91 14.98
C GLU A 276 17.51 0.17 14.16
N LYS A 277 18.53 0.79 14.74
CA LYS A 277 19.29 1.84 14.06
C LYS A 277 20.37 1.31 13.13
N PHE A 278 21.28 0.51 13.69
CA PHE A 278 22.42 -0.02 12.95
C PHE A 278 22.29 -1.39 12.29
N ARG A 279 21.26 -2.14 12.65
CA ARG A 279 20.99 -3.46 12.07
C ARG A 279 22.13 -4.48 12.04
N GLY A 280 23.04 -4.40 12.98
CA GLY A 280 24.15 -5.33 12.99
C GLY A 280 23.87 -6.72 13.47
N VAL A 281 24.42 -7.70 12.75
CA VAL A 281 24.31 -9.10 13.12
C VAL A 281 25.74 -9.64 13.03
N ARG A 282 26.03 -10.68 13.81
CA ARG A 282 27.35 -11.30 13.82
C ARG A 282 27.31 -12.67 13.16
N LEU A 283 28.32 -12.94 12.34
CA LEU A 283 28.44 -14.24 11.68
C LEU A 283 29.65 -14.94 12.24
N TYR A 284 29.46 -16.18 12.68
CA TYR A 284 30.55 -16.99 13.21
C TYR A 284 30.70 -18.17 12.25
N VAL A 285 31.79 -18.18 11.49
CA VAL A 285 32.00 -19.27 10.55
C VAL A 285 33.00 -20.31 11.09
N SER A 286 32.57 -21.57 11.06
CA SER A 286 33.38 -22.69 11.53
C SER A 286 33.16 -23.80 10.53
N GLU A 287 33.89 -24.90 10.66
CA GLU A 287 33.74 -25.99 9.70
C GLU A 287 32.30 -26.41 9.43
N ASN A 288 31.89 -26.25 8.18
CA ASN A 288 30.56 -26.60 7.71
C ASN A 288 29.42 -26.07 8.57
N GLN A 289 29.67 -24.93 9.21
CA GLN A 289 28.63 -24.35 10.04
C GLN A 289 28.69 -22.84 10.08
N LEU A 290 27.51 -22.22 10.14
CA LEU A 290 27.41 -20.78 10.23
C LEU A 290 26.47 -20.48 11.39
N LYS A 291 26.90 -19.58 12.25
CA LYS A 291 26.10 -19.17 13.39
C LYS A 291 25.86 -17.69 13.22
N ILE A 292 24.59 -17.31 13.23
CA ILE A 292 24.21 -15.91 13.08
C ILE A 292 23.60 -15.47 14.40
N THR A 293 24.10 -14.36 14.94
CA THR A 293 23.58 -13.85 16.19
C THR A 293 23.23 -12.38 16.08
N ALA A 294 22.26 -11.95 16.87
CA ALA A 294 21.86 -10.56 16.88
C ALA A 294 21.46 -10.16 18.28
N ASN A 295 21.77 -8.93 18.65
CA ASN A 295 21.35 -8.45 19.95
C ASN A 295 21.10 -6.96 19.85
N ASN A 296 20.27 -6.44 20.73
CA ASN A 296 19.93 -5.03 20.67
C ASN A 296 20.22 -4.37 21.99
N PRO A 297 19.92 -3.07 22.12
CA PRO A 297 20.19 -2.41 23.40
C PRO A 297 19.55 -3.04 24.64
N GLU A 298 18.31 -3.50 24.51
CA GLU A 298 17.62 -4.12 25.65
C GLU A 298 18.14 -5.52 25.96
N GLN A 299 19.21 -5.90 25.27
CA GLN A 299 19.87 -7.18 25.49
C GLN A 299 19.10 -8.44 25.09
N GLU A 300 18.23 -8.31 24.11
CA GLU A 300 17.51 -9.47 23.62
C GLU A 300 18.52 -10.13 22.69
N GLU A 301 18.34 -11.41 22.40
CA GLU A 301 19.31 -12.10 21.56
C GLU A 301 18.66 -13.11 20.64
N ALA A 302 19.12 -13.13 19.39
CA ALA A 302 18.65 -14.09 18.40
C ALA A 302 19.86 -14.93 18.00
N GLU A 303 19.66 -16.24 17.87
CA GLU A 303 20.74 -17.11 17.43
C GLU A 303 20.18 -18.10 16.45
N GLU A 304 20.89 -18.25 15.32
CA GLU A 304 20.50 -19.16 14.26
C GLU A 304 21.74 -19.99 13.90
N ILE A 305 21.56 -21.30 13.78
CA ILE A 305 22.64 -22.20 13.39
C ILE A 305 22.21 -22.89 12.11
N LEU A 306 23.10 -22.86 11.11
CA LEU A 306 22.82 -23.46 9.81
C LEU A 306 23.98 -24.33 9.36
N ASP A 307 23.66 -25.39 8.63
CA ASP A 307 24.69 -26.26 8.08
C ASP A 307 25.08 -25.61 6.76
N VAL A 308 26.38 -25.50 6.50
CA VAL A 308 26.82 -24.90 5.25
C VAL A 308 28.09 -25.62 4.85
N THR A 309 28.62 -25.31 3.68
CA THR A 309 29.86 -25.93 3.23
C THR A 309 30.98 -24.94 3.42
N TYR A 310 31.88 -25.24 4.36
CA TYR A 310 33.00 -24.36 4.67
C TYR A 310 34.14 -25.11 5.34
N SER A 311 35.34 -25.03 4.77
CA SER A 311 36.50 -25.72 5.34
C SER A 311 37.63 -24.78 5.71
N GLY A 312 37.36 -23.47 5.64
CA GLY A 312 38.40 -22.51 5.97
C GLY A 312 38.63 -22.31 7.46
N ALA A 313 39.42 -21.28 7.77
CA ALA A 313 39.73 -20.95 9.16
C ALA A 313 38.52 -20.30 9.81
N GLU A 314 38.44 -20.41 11.13
CA GLU A 314 37.33 -19.80 11.87
C GLU A 314 37.48 -18.29 11.96
N MET A 315 36.36 -17.58 11.87
CA MET A 315 36.35 -16.12 11.97
C MET A 315 34.95 -15.59 12.28
N GLU A 316 34.92 -14.38 12.80
CA GLU A 316 33.67 -13.70 13.13
C GLU A 316 33.67 -12.41 12.33
N ILE A 317 32.51 -12.01 11.85
CA ILE A 317 32.41 -10.80 11.06
C ILE A 317 31.00 -10.21 11.18
N GLY A 318 30.92 -8.90 11.29
CA GLY A 318 29.62 -8.27 11.43
C GLY A 318 29.12 -7.65 10.15
N PHE A 319 27.81 -7.52 10.04
CA PHE A 319 27.21 -6.94 8.85
C PHE A 319 25.88 -6.28 9.18
N ASN A 320 25.52 -5.32 8.36
CA ASN A 320 24.22 -4.67 8.48
C ASN A 320 23.34 -5.76 7.87
N VAL A 321 22.43 -6.33 8.65
CA VAL A 321 21.59 -7.41 8.16
C VAL A 321 20.68 -7.05 6.98
N SER A 322 20.33 -5.77 6.85
CA SER A 322 19.48 -5.35 5.75
C SER A 322 20.26 -5.45 4.42
N TYR A 323 21.53 -5.06 4.43
CA TYR A 323 22.34 -5.13 3.22
C TYR A 323 22.48 -6.58 2.79
N VAL A 324 22.57 -7.48 3.77
CA VAL A 324 22.72 -8.89 3.47
C VAL A 324 21.43 -9.46 2.91
N LEU A 325 20.31 -9.11 3.53
CA LEU A 325 18.99 -9.55 3.09
C LEU A 325 18.67 -9.00 1.68
N ASP A 326 19.03 -7.75 1.42
CA ASP A 326 18.79 -7.16 0.10
C ASP A 326 19.45 -8.01 -0.98
N VAL A 327 20.68 -8.44 -0.70
CA VAL A 327 21.43 -9.27 -1.64
C VAL A 327 20.75 -10.63 -1.83
N LEU A 328 20.47 -11.32 -0.72
CA LEU A 328 19.85 -12.64 -0.84
C LEU A 328 18.50 -12.56 -1.53
N ASN A 329 17.81 -11.43 -1.39
CA ASN A 329 16.51 -11.24 -2.04
C ASN A 329 16.66 -11.03 -3.54
N ALA A 330 17.74 -10.37 -3.95
CA ALA A 330 17.99 -10.09 -5.36
C ALA A 330 18.51 -11.31 -6.12
N LEU A 331 19.26 -12.17 -5.43
CA LEU A 331 19.82 -13.38 -6.03
C LEU A 331 18.76 -14.41 -6.38
N LYS A 332 17.80 -14.61 -5.48
CA LYS A 332 16.72 -15.56 -5.70
C LYS A 332 17.16 -16.81 -6.47
N CYS A 333 18.25 -17.42 -6.04
CA CYS A 333 18.75 -18.62 -6.68
C CYS A 333 18.63 -19.81 -5.73
N GLU A 334 19.40 -20.86 -5.97
CA GLU A 334 19.33 -22.04 -5.11
C GLU A 334 20.37 -21.98 -4.00
N ASN A 335 21.61 -21.73 -4.36
CA ASN A 335 22.69 -21.63 -3.39
C ASN A 335 23.49 -20.37 -3.65
N VAL A 336 24.10 -19.83 -2.60
CA VAL A 336 24.92 -18.65 -2.75
C VAL A 336 26.29 -18.93 -2.20
N ARG A 337 27.26 -18.15 -2.67
CA ARG A 337 28.64 -18.30 -2.22
C ARG A 337 29.06 -17.00 -1.56
N MET A 338 29.59 -17.11 -0.35
CA MET A 338 30.09 -15.94 0.36
C MET A 338 31.59 -16.11 0.42
N MET A 339 32.32 -15.12 -0.11
CA MET A 339 33.77 -15.15 -0.12
C MET A 339 34.32 -14.10 0.84
N LEU A 340 34.95 -14.56 1.91
CA LEU A 340 35.48 -13.64 2.92
C LEU A 340 37.00 -13.62 3.00
N THR A 341 37.50 -12.60 3.70
CA THR A 341 38.93 -12.41 3.90
C THR A 341 39.15 -12.36 5.41
N ASP A 342 38.67 -11.30 6.03
CA ASP A 342 38.77 -11.13 7.48
C ASP A 342 37.59 -10.31 7.98
N SER A 343 37.57 -10.04 9.28
CA SER A 343 36.48 -9.31 9.91
C SER A 343 36.38 -7.83 9.57
N VAL A 344 37.45 -7.25 9.01
CA VAL A 344 37.43 -5.83 8.66
C VAL A 344 37.44 -5.59 7.15
N SER A 345 37.33 -6.68 6.38
CA SER A 345 37.32 -6.58 4.94
C SER A 345 35.94 -6.89 4.38
N SER A 346 35.61 -6.30 3.25
CA SER A 346 34.32 -6.52 2.61
C SER A 346 34.17 -7.99 2.22
N VAL A 347 32.94 -8.39 1.94
CA VAL A 347 32.66 -9.76 1.54
C VAL A 347 32.01 -9.67 0.17
N GLN A 348 32.27 -10.68 -0.66
CA GLN A 348 31.65 -10.71 -1.98
C GLN A 348 30.67 -11.87 -1.93
N ILE A 349 29.45 -11.60 -2.37
CA ILE A 349 28.42 -12.62 -2.38
C ILE A 349 27.93 -12.75 -3.80
N GLU A 350 27.56 -13.96 -4.17
CA GLU A 350 27.08 -14.21 -5.51
C GLU A 350 26.43 -15.57 -5.57
N ASP A 351 25.69 -15.82 -6.65
CA ASP A 351 25.03 -17.11 -6.82
C ASP A 351 26.15 -18.13 -6.92
N ALA A 352 26.01 -19.24 -6.21
CA ALA A 352 27.03 -20.29 -6.24
C ALA A 352 27.26 -20.83 -7.65
N ALA A 353 26.22 -20.82 -8.47
CA ALA A 353 26.29 -21.34 -9.83
C ALA A 353 26.16 -20.27 -10.92
N SER A 354 26.75 -19.10 -10.69
CA SER A 354 26.69 -18.01 -11.66
C SER A 354 27.48 -16.80 -11.18
N GLN A 355 28.35 -16.28 -12.04
CA GLN A 355 29.15 -15.11 -11.67
C GLN A 355 28.74 -13.90 -12.50
N SER A 356 27.58 -13.99 -13.15
CA SER A 356 27.08 -12.90 -13.97
C SER A 356 26.76 -11.69 -13.11
N ALA A 357 26.51 -11.92 -11.82
CA ALA A 357 26.20 -10.87 -10.87
C ALA A 357 27.04 -11.04 -9.61
N ALA A 358 27.51 -9.93 -9.04
CA ALA A 358 28.33 -10.01 -7.85
C ALA A 358 27.98 -8.87 -6.89
N TYR A 359 27.99 -9.18 -5.61
CA TYR A 359 27.67 -8.19 -4.59
C TYR A 359 28.80 -8.04 -3.57
N VAL A 360 29.10 -6.80 -3.23
CA VAL A 360 30.14 -6.52 -2.26
C VAL A 360 29.54 -5.76 -1.09
N VAL A 361 29.82 -6.22 0.12
CA VAL A 361 29.29 -5.58 1.31
C VAL A 361 30.38 -5.36 2.35
N MET A 362 30.55 -4.11 2.79
CA MET A 362 31.55 -3.80 3.81
C MET A 362 31.01 -4.23 5.17
N PRO A 363 31.82 -4.94 5.95
CA PRO A 363 31.38 -5.38 7.27
C PRO A 363 31.24 -4.22 8.24
N MET A 364 30.65 -4.51 9.40
CA MET A 364 30.48 -3.50 10.43
C MET A 364 31.52 -3.74 11.51
N ARG A 365 31.90 -2.67 12.21
CA ARG A 365 32.87 -2.77 13.27
C ARG A 365 32.15 -2.93 14.61
N LEU A 366 32.61 -3.89 15.40
CA LEU A 366 32.03 -4.13 16.72
C LEU A 366 32.73 -5.33 17.37
N MET B 1 6.55 -20.63 33.84
CA MET B 1 5.59 -20.72 32.70
C MET B 1 6.28 -21.37 31.50
N LYS B 2 5.62 -22.36 30.90
CA LYS B 2 6.17 -23.00 29.72
C LYS B 2 5.08 -23.64 28.88
N PHE B 3 5.35 -23.73 27.59
CA PHE B 3 4.43 -24.34 26.65
C PHE B 3 5.13 -24.58 25.33
N THR B 4 4.61 -25.54 24.57
CA THR B 4 5.13 -25.88 23.26
C THR B 4 3.91 -26.00 22.38
N VAL B 5 3.91 -25.27 21.28
CA VAL B 5 2.77 -25.30 20.37
C VAL B 5 3.22 -25.17 18.94
N GLU B 6 2.48 -25.79 18.03
CA GLU B 6 2.81 -25.71 16.62
C GLU B 6 2.59 -24.30 16.12
N ARG B 7 3.47 -23.86 15.22
CA ARG B 7 3.43 -22.53 14.63
C ARG B 7 2.06 -22.08 14.13
N GLU B 8 1.43 -22.90 13.28
CA GLU B 8 0.14 -22.53 12.71
C GLU B 8 -1.01 -22.38 13.72
N HIS B 9 -0.82 -22.84 14.94
CA HIS B 9 -1.85 -22.72 15.97
C HIS B 9 -1.69 -21.41 16.74
N LEU B 10 -0.59 -20.71 16.50
CA LEU B 10 -0.30 -19.45 17.19
C LEU B 10 -0.44 -18.22 16.31
N LEU B 11 -0.21 -18.38 15.01
CA LEU B 11 -0.26 -17.24 14.09
C LEU B 11 -1.57 -16.47 14.03
N LYS B 12 -2.69 -17.17 13.94
CA LYS B 12 -3.97 -16.48 13.89
C LYS B 12 -4.24 -15.72 15.19
N PRO B 13 -4.10 -16.40 16.34
CA PRO B 13 -4.34 -15.71 17.61
C PRO B 13 -3.43 -14.49 17.74
N LEU B 14 -2.15 -14.65 17.45
CA LEU B 14 -1.20 -13.53 17.54
C LEU B 14 -1.60 -12.35 16.67
N GLN B 15 -2.02 -12.62 15.44
CA GLN B 15 -2.43 -11.55 14.56
C GLN B 15 -3.64 -10.79 15.12
N GLN B 16 -4.59 -11.55 15.65
CA GLN B 16 -5.80 -10.95 16.21
C GLN B 16 -5.56 -10.11 17.46
N VAL B 17 -4.74 -10.60 18.38
CA VAL B 17 -4.50 -9.84 19.61
C VAL B 17 -3.57 -8.64 19.42
N SER B 18 -2.84 -8.61 18.30
CA SER B 18 -1.95 -7.49 18.02
C SER B 18 -2.76 -6.38 17.34
N GLY B 19 -4.05 -6.62 17.16
CA GLY B 19 -4.93 -5.65 16.53
C GLY B 19 -4.89 -4.25 17.16
N PRO B 20 -5.16 -4.14 18.48
CA PRO B 20 -5.16 -2.84 19.17
C PRO B 20 -3.82 -2.09 19.18
N LEU B 21 -2.73 -2.82 18.93
CA LEU B 21 -1.40 -2.21 18.92
C LEU B 21 -1.16 -1.47 17.59
N GLY B 22 -0.27 -0.48 17.60
CA GLY B 22 -0.03 0.27 16.37
C GLY B 22 1.38 0.66 15.98
N GLY B 23 2.38 -0.06 16.46
CA GLY B 23 3.76 0.28 16.10
C GLY B 23 4.30 1.37 17.00
N ARG B 24 3.43 2.26 17.45
CA ARG B 24 3.83 3.33 18.35
C ARG B 24 2.99 3.28 19.63
N PRO B 25 3.21 2.27 20.48
CA PRO B 25 2.42 2.25 21.71
C PRO B 25 2.73 3.50 22.54
N THR B 26 1.71 4.01 23.22
CA THR B 26 1.85 5.20 24.03
C THR B 26 2.53 4.91 25.37
N LEU B 27 2.43 3.67 25.80
CA LEU B 27 3.01 3.22 27.06
C LEU B 27 3.76 1.96 26.68
N PRO B 28 5.02 1.80 27.17
CA PRO B 28 5.79 0.61 26.83
C PRO B 28 5.10 -0.76 26.92
N ILE B 29 4.44 -1.03 28.03
CA ILE B 29 3.81 -2.34 28.17
C ILE B 29 2.66 -2.59 27.18
N LEU B 30 2.13 -1.53 26.59
CA LEU B 30 1.04 -1.66 25.63
C LEU B 30 1.55 -2.26 24.33
N GLY B 31 2.87 -2.30 24.18
CA GLY B 31 3.47 -2.87 22.98
C GLY B 31 3.76 -4.35 23.22
N ASN B 32 3.38 -4.83 24.40
CA ASN B 32 3.59 -6.23 24.77
C ASN B 32 2.27 -6.98 24.82
N LEU B 33 2.37 -8.31 24.68
CA LEU B 33 1.21 -9.18 24.78
C LEU B 33 1.31 -9.89 26.11
N LEU B 34 0.20 -10.02 26.81
CA LEU B 34 0.19 -10.71 28.07
C LEU B 34 0.01 -12.18 27.72
N LEU B 35 0.90 -13.04 28.22
CA LEU B 35 0.79 -14.48 27.98
C LEU B 35 0.51 -15.13 29.33
N GLN B 36 -0.51 -15.98 29.38
CA GLN B 36 -0.87 -16.66 30.62
C GLN B 36 -1.17 -18.12 30.32
N VAL B 37 -0.54 -19.01 31.09
CA VAL B 37 -0.78 -20.43 30.94
C VAL B 37 -1.48 -20.89 32.22
N ALA B 38 -2.66 -21.46 32.08
CA ALA B 38 -3.41 -21.94 33.23
C ALA B 38 -4.49 -22.88 32.75
N ASP B 39 -4.74 -23.93 33.53
CA ASP B 39 -5.76 -24.93 33.21
C ASP B 39 -5.71 -25.43 31.77
N GLY B 40 -4.51 -25.83 31.33
CA GLY B 40 -4.34 -26.36 29.99
C GLY B 40 -4.57 -25.38 28.84
N THR B 41 -4.74 -24.11 29.14
CA THR B 41 -4.98 -23.12 28.11
C THR B 41 -3.96 -21.98 28.14
N LEU B 42 -3.60 -21.49 26.97
CA LEU B 42 -2.69 -20.36 26.83
C LEU B 42 -3.55 -19.18 26.40
N SER B 43 -3.56 -18.11 27.20
CA SER B 43 -4.33 -16.93 26.83
C SER B 43 -3.35 -15.84 26.42
N LEU B 44 -3.69 -15.14 25.35
CA LEU B 44 -2.85 -14.06 24.83
C LEU B 44 -3.73 -12.81 24.82
N THR B 45 -3.20 -11.69 25.33
CA THR B 45 -3.98 -10.46 25.37
C THR B 45 -3.21 -9.24 24.85
N GLY B 46 -3.87 -8.48 23.99
CA GLY B 46 -3.27 -7.26 23.47
C GLY B 46 -4.20 -6.13 23.87
N THR B 47 -3.65 -4.98 24.22
CA THR B 47 -4.49 -3.85 24.63
C THR B 47 -3.84 -2.51 24.31
N ASP B 48 -4.67 -1.48 24.23
CA ASP B 48 -4.17 -0.13 23.99
C ASP B 48 -4.81 0.76 25.05
N LEU B 49 -5.27 0.12 26.14
CA LEU B 49 -5.93 0.78 27.27
C LEU B 49 -7.40 1.07 27.04
N GLU B 50 -7.77 1.43 25.81
CA GLU B 50 -9.17 1.72 25.52
C GLU B 50 -9.91 0.44 25.13
N MET B 51 -9.17 -0.58 24.68
CA MET B 51 -9.79 -1.85 24.30
C MET B 51 -8.81 -3.00 24.36
N GLU B 52 -9.33 -4.22 24.48
CA GLU B 52 -8.46 -5.39 24.53
C GLU B 52 -9.00 -6.52 23.65
N MET B 53 -8.08 -7.41 23.25
CA MET B 53 -8.44 -8.58 22.44
C MET B 53 -7.77 -9.75 23.12
N VAL B 54 -8.56 -10.76 23.51
CA VAL B 54 -8.03 -11.94 24.18
C VAL B 54 -8.25 -13.19 23.32
N ALA B 55 -7.21 -14.01 23.22
CA ALA B 55 -7.28 -15.26 22.46
C ALA B 55 -6.93 -16.41 23.38
N ARG B 56 -7.70 -17.49 23.29
CA ARG B 56 -7.46 -18.67 24.11
C ARG B 56 -7.00 -19.77 23.17
N VAL B 57 -5.87 -20.38 23.49
CA VAL B 57 -5.31 -21.45 22.67
C VAL B 57 -5.14 -22.70 23.54
N ALA B 58 -5.77 -23.79 23.11
CA ALA B 58 -5.68 -25.04 23.85
C ALA B 58 -4.27 -25.61 23.73
N LEU B 59 -3.74 -26.09 24.85
CA LEU B 59 -2.42 -26.67 24.89
C LEU B 59 -2.56 -28.18 25.02
N VAL B 60 -2.20 -28.90 23.97
CA VAL B 60 -2.30 -30.35 23.97
C VAL B 60 -0.93 -30.95 24.19
N GLN B 61 0.01 -30.12 24.63
CA GLN B 61 1.37 -30.57 24.90
C GLN B 61 1.77 -30.14 26.31
N PRO B 62 2.78 -30.81 26.89
CA PRO B 62 3.27 -30.50 28.24
C PRO B 62 3.42 -29.01 28.48
N HIS B 63 2.97 -28.54 29.64
CA HIS B 63 3.06 -27.12 29.97
C HIS B 63 3.08 -26.84 31.46
N GLU B 64 3.50 -25.64 31.81
CA GLU B 64 3.56 -25.22 33.19
C GLU B 64 2.88 -23.86 33.25
N PRO B 65 2.07 -23.64 34.30
CA PRO B 65 1.35 -22.38 34.46
C PRO B 65 2.26 -21.19 34.80
N GLY B 66 1.73 -19.99 34.56
CA GLY B 66 2.47 -18.78 34.83
C GLY B 66 2.11 -17.73 33.82
N ALA B 67 2.65 -16.53 33.99
CA ALA B 67 2.34 -15.45 33.06
C ALA B 67 3.48 -14.44 33.00
N THR B 68 3.50 -13.65 31.94
CA THR B 68 4.50 -12.62 31.73
C THR B 68 4.06 -11.83 30.50
N THR B 69 4.78 -10.77 30.15
CA THR B 69 4.46 -10.02 28.95
C THR B 69 5.71 -9.92 28.09
N VAL B 70 5.53 -9.98 26.78
CA VAL B 70 6.64 -9.90 25.84
C VAL B 70 6.26 -9.03 24.64
N PRO B 71 7.26 -8.44 23.97
CA PRO B 71 7.05 -7.56 22.80
C PRO B 71 6.14 -8.25 21.77
N ALA B 72 5.00 -7.65 21.49
CA ALA B 72 4.04 -8.24 20.56
C ALA B 72 4.57 -8.47 19.14
N ARG B 73 5.06 -7.41 18.51
CA ARG B 73 5.57 -7.51 17.14
C ARG B 73 6.77 -8.43 17.00
N LYS B 74 7.72 -8.35 17.94
CA LYS B 74 8.89 -9.22 17.87
C LYS B 74 8.51 -10.70 17.98
N PHE B 75 7.62 -11.03 18.92
CA PHE B 75 7.19 -12.42 19.12
C PHE B 75 6.42 -12.92 17.89
N PHE B 76 5.54 -12.08 17.38
CA PHE B 76 4.75 -12.43 16.20
C PHE B 76 5.67 -12.66 14.98
N ASP B 77 6.65 -11.78 14.80
CA ASP B 77 7.57 -11.90 13.68
C ASP B 77 8.45 -13.14 13.78
N ILE B 78 8.84 -13.50 15.00
CA ILE B 78 9.66 -14.67 15.21
C ILE B 78 8.84 -15.91 14.84
N CYS B 79 7.62 -15.96 15.35
CA CYS B 79 6.73 -17.09 15.08
C CYS B 79 6.40 -17.27 13.60
N ARG B 80 6.05 -16.19 12.91
CA ARG B 80 5.73 -16.34 11.51
C ARG B 80 6.96 -16.52 10.64
N GLY B 81 8.12 -16.10 11.14
CA GLY B 81 9.35 -16.24 10.39
C GLY B 81 9.92 -17.65 10.42
N LEU B 82 9.48 -18.44 11.40
CA LEU B 82 9.95 -19.83 11.52
C LEU B 82 9.31 -20.63 10.38
N PRO B 83 9.91 -21.78 10.01
CA PRO B 83 9.33 -22.56 8.92
C PRO B 83 7.98 -23.21 9.22
N GLU B 84 7.19 -23.45 8.17
CA GLU B 84 5.89 -24.07 8.35
C GLU B 84 6.05 -25.39 9.09
N GLY B 85 5.12 -25.67 10.00
CA GLY B 85 5.16 -26.89 10.77
C GLY B 85 6.09 -26.86 11.97
N ALA B 86 6.68 -25.70 12.25
CA ALA B 86 7.63 -25.62 13.37
C ALA B 86 6.96 -25.76 14.73
N GLU B 87 7.67 -26.41 15.65
CA GLU B 87 7.18 -26.59 17.01
C GLU B 87 7.84 -25.43 17.73
N ILE B 88 7.05 -24.64 18.44
CA ILE B 88 7.60 -23.50 19.16
C ILE B 88 7.55 -23.72 20.66
N ALA B 89 8.73 -23.87 21.26
CA ALA B 89 8.84 -24.10 22.69
C ALA B 89 9.14 -22.79 23.40
N VAL B 90 8.31 -22.44 24.37
CA VAL B 90 8.48 -21.19 25.11
C VAL B 90 8.63 -21.43 26.61
N GLN B 91 9.54 -20.70 27.23
CA GLN B 91 9.75 -20.85 28.66
C GLN B 91 10.23 -19.55 29.28
N LEU B 92 9.63 -19.18 30.40
CA LEU B 92 9.98 -17.96 31.09
C LEU B 92 11.16 -18.23 32.00
N GLU B 93 12.16 -17.35 31.94
CA GLU B 93 13.35 -17.47 32.76
C GLU B 93 13.70 -16.11 33.33
N GLY B 94 12.98 -15.74 34.38
CA GLY B 94 13.23 -14.46 35.01
C GLY B 94 12.88 -13.27 34.15
N GLU B 95 13.87 -12.42 33.89
CA GLU B 95 13.67 -11.20 33.10
C GLU B 95 13.51 -11.44 31.61
N ARG B 96 13.64 -12.68 31.16
CA ARG B 96 13.52 -12.97 29.73
C ARG B 96 12.66 -14.20 29.44
N MET B 97 12.13 -14.26 28.23
CA MET B 97 11.32 -15.40 27.81
C MET B 97 12.10 -16.01 26.67
N LEU B 98 12.42 -17.30 26.80
CA LEU B 98 13.18 -17.99 25.78
C LEU B 98 12.22 -18.67 24.80
N VAL B 99 12.53 -18.53 23.52
CA VAL B 99 11.73 -19.13 22.47
C VAL B 99 12.71 -19.98 21.68
N ARG B 100 12.37 -21.25 21.49
CA ARG B 100 13.22 -22.19 20.75
C ARG B 100 12.40 -22.95 19.71
N SER B 101 13.02 -23.20 18.56
CA SER B 101 12.40 -23.97 17.50
C SER B 101 13.55 -24.45 16.63
N GLY B 102 13.67 -25.77 16.47
CA GLY B 102 14.77 -26.31 15.69
C GLY B 102 16.06 -25.78 16.28
N ARG B 103 16.91 -25.19 15.46
CA ARG B 103 18.16 -24.64 15.95
C ARG B 103 18.13 -23.12 15.93
N SER B 104 16.94 -22.57 16.19
CA SER B 104 16.76 -21.12 16.24
C SER B 104 16.43 -20.81 17.70
N ARG B 105 17.10 -19.82 18.27
CA ARG B 105 16.88 -19.43 19.66
C ARG B 105 16.67 -17.93 19.80
N PHE B 106 15.74 -17.54 20.66
CA PHE B 106 15.45 -16.14 20.88
C PHE B 106 15.20 -15.86 22.36
N SER B 107 15.76 -14.76 22.84
CA SER B 107 15.58 -14.35 24.23
C SER B 107 14.94 -12.97 24.17
N LEU B 108 13.71 -12.88 24.66
CA LEU B 108 12.96 -11.62 24.66
C LEU B 108 12.86 -11.02 26.04
N SER B 109 12.89 -9.69 26.10
CA SER B 109 12.77 -8.96 27.35
C SER B 109 11.30 -9.03 27.74
N THR B 110 11.04 -9.05 29.04
CA THR B 110 9.66 -9.10 29.51
C THR B 110 9.36 -7.93 30.40
N LEU B 111 8.08 -7.79 30.73
CA LEU B 111 7.58 -6.77 31.64
C LEU B 111 6.59 -7.57 32.47
N PRO B 112 6.54 -7.32 33.78
CA PRO B 112 5.63 -8.05 34.67
C PRO B 112 4.16 -8.11 34.24
N ALA B 113 3.59 -9.31 34.32
CA ALA B 113 2.20 -9.52 33.97
C ALA B 113 1.35 -8.68 34.93
N ALA B 114 1.86 -8.48 36.14
CA ALA B 114 1.17 -7.68 37.15
C ALA B 114 1.00 -6.22 36.71
N ASP B 115 1.87 -5.74 35.82
CA ASP B 115 1.79 -4.37 35.32
C ASP B 115 0.91 -4.21 34.08
N PHE B 116 0.42 -5.32 33.53
CA PHE B 116 -0.42 -5.28 32.33
C PHE B 116 -1.83 -4.76 32.61
N PRO B 117 -2.29 -3.75 31.86
CA PRO B 117 -3.63 -3.17 32.04
C PRO B 117 -4.72 -4.19 31.74
N ASN B 118 -5.86 -4.09 32.41
CA ASN B 118 -6.94 -5.03 32.16
C ASN B 118 -8.35 -4.44 32.20
N LEU B 119 -8.45 -3.14 32.48
CA LEU B 119 -9.75 -2.48 32.59
C LEU B 119 -10.42 -3.05 33.83
N ASP B 120 -10.49 -2.26 34.90
CA ASP B 120 -11.09 -2.74 36.13
C ASP B 120 -12.54 -3.19 35.93
N ASP B 121 -12.82 -4.41 36.40
CA ASP B 121 -14.12 -5.06 36.34
C ASP B 121 -15.35 -4.21 36.06
N TRP B 122 -16.30 -4.79 35.33
CA TRP B 122 -17.55 -4.12 35.00
C TRP B 122 -18.67 -5.17 34.90
N GLN B 123 -19.91 -4.72 34.88
CA GLN B 123 -21.04 -5.63 34.81
C GLN B 123 -21.88 -5.51 33.55
N SER B 124 -22.16 -6.65 32.94
CA SER B 124 -22.99 -6.72 31.73
C SER B 124 -24.40 -6.28 32.15
N GLU B 125 -25.03 -5.42 31.34
CA GLU B 125 -26.40 -4.96 31.64
C GLU B 125 -27.37 -5.36 30.53
N VAL B 126 -26.84 -5.59 29.34
CA VAL B 126 -27.63 -6.00 28.18
C VAL B 126 -26.82 -7.03 27.41
N GLU B 127 -27.46 -8.13 27.01
CA GLU B 127 -26.74 -9.16 26.27
C GLU B 127 -27.61 -9.73 25.16
N PHE B 128 -26.98 -10.08 24.05
CA PHE B 128 -27.69 -10.67 22.92
C PHE B 128 -26.68 -11.33 21.99
N THR B 129 -27.17 -12.32 21.27
CA THR B 129 -26.34 -13.05 20.32
C THR B 129 -26.86 -12.72 18.93
N LEU B 130 -25.96 -12.57 17.98
CA LEU B 130 -26.37 -12.29 16.61
C LEU B 130 -25.42 -12.93 15.61
N PRO B 131 -25.88 -13.07 14.35
CA PRO B 131 -25.01 -13.66 13.34
C PRO B 131 -23.89 -12.67 13.02
N GLN B 132 -22.69 -13.18 12.74
CA GLN B 132 -21.59 -12.31 12.39
C GLN B 132 -21.96 -11.49 11.15
N ALA B 133 -22.72 -12.09 10.24
CA ALA B 133 -23.14 -11.40 9.01
C ALA B 133 -23.91 -10.11 9.32
N THR B 134 -24.72 -10.16 10.36
CA THR B 134 -25.50 -8.99 10.73
C THR B 134 -24.59 -7.87 11.24
N MET B 135 -23.62 -8.20 12.09
CA MET B 135 -22.70 -7.18 12.58
C MET B 135 -21.90 -6.59 11.40
N LYS B 136 -21.42 -7.44 10.50
CA LYS B 136 -20.66 -6.94 9.35
C LYS B 136 -21.52 -5.98 8.52
N ARG B 137 -22.76 -6.35 8.27
CA ARG B 137 -23.68 -5.52 7.51
C ARG B 137 -23.90 -4.16 8.19
N LEU B 138 -24.17 -4.19 9.50
CA LEU B 138 -24.41 -2.98 10.28
C LEU B 138 -23.24 -1.99 10.26
N ILE B 139 -22.04 -2.52 10.39
CA ILE B 139 -20.85 -1.68 10.39
C ILE B 139 -20.50 -1.18 8.99
N GLU B 140 -20.45 -2.07 8.01
CA GLU B 140 -20.12 -1.66 6.64
C GLU B 140 -21.09 -0.62 6.09
N ALA B 141 -22.36 -0.74 6.46
CA ALA B 141 -23.38 0.17 5.98
C ALA B 141 -23.26 1.58 6.53
N THR B 142 -22.53 1.74 7.64
CA THR B 142 -22.45 3.06 8.27
C THR B 142 -21.07 3.61 8.61
N GLN B 143 -20.07 2.74 8.75
CA GLN B 143 -18.73 3.17 9.14
C GLN B 143 -18.15 4.43 8.50
N PHE B 144 -18.33 4.57 7.18
CA PHE B 144 -17.80 5.73 6.47
C PHE B 144 -18.33 7.10 6.89
N SER B 145 -19.50 7.16 7.52
CA SER B 145 -20.07 8.43 7.93
C SER B 145 -19.60 8.91 9.31
N MET B 146 -18.71 8.16 9.95
CA MET B 146 -18.20 8.57 11.26
C MET B 146 -17.27 9.75 11.05
N ALA B 147 -17.24 10.67 12.02
CA ALA B 147 -16.38 11.83 11.92
C ALA B 147 -14.94 11.37 12.12
N HIS B 148 -14.01 12.14 11.56
CA HIS B 148 -12.59 11.82 11.68
C HIS B 148 -11.91 12.94 12.49
N GLN B 149 -11.52 12.60 13.72
CA GLN B 149 -10.86 13.56 14.60
C GLN B 149 -11.68 14.83 14.84
N ASP B 150 -12.91 14.67 15.30
CA ASP B 150 -13.78 15.80 15.58
C ASP B 150 -13.72 16.10 17.07
N VAL B 151 -13.76 17.38 17.42
CA VAL B 151 -13.72 17.82 18.81
C VAL B 151 -14.86 17.21 19.62
N ARG B 152 -15.97 16.93 18.96
CA ARG B 152 -17.12 16.33 19.63
C ARG B 152 -16.91 14.82 19.61
N TYR B 153 -15.83 14.41 20.26
CA TYR B 153 -15.40 13.02 20.37
C TYR B 153 -16.44 11.93 20.10
N TYR B 154 -17.67 12.12 20.59
CA TYR B 154 -18.70 11.11 20.39
C TYR B 154 -19.13 10.95 18.94
N LEU B 155 -18.69 11.83 18.06
CA LEU B 155 -19.06 11.73 16.66
C LEU B 155 -18.04 10.88 15.91
N ASN B 156 -16.88 10.67 16.53
CA ASN B 156 -15.82 9.86 15.93
C ASN B 156 -16.10 8.37 16.12
N GLY B 157 -17.22 8.05 16.76
CA GLY B 157 -17.58 6.66 16.98
C GLY B 157 -18.86 6.26 16.28
N MET B 158 -19.40 5.11 16.64
CA MET B 158 -20.62 4.60 16.05
C MET B 158 -21.64 4.25 17.12
N LEU B 159 -22.86 4.70 16.94
CA LEU B 159 -23.94 4.43 17.89
C LEU B 159 -24.52 3.04 17.64
N PHE B 160 -24.56 2.22 18.69
CA PHE B 160 -25.18 0.91 18.58
C PHE B 160 -26.42 1.00 19.45
N GLU B 161 -27.57 0.82 18.83
CA GLU B 161 -28.82 0.91 19.55
C GLU B 161 -29.72 -0.31 19.38
N THR B 162 -30.28 -0.78 20.49
CA THR B 162 -31.21 -1.91 20.49
C THR B 162 -32.60 -1.32 20.68
N GLU B 163 -33.55 -1.76 19.86
CA GLU B 163 -34.91 -1.28 19.95
C GLU B 163 -35.82 -2.39 19.43
N GLY B 164 -36.73 -2.87 20.27
CA GLY B 164 -37.62 -3.94 19.87
C GLY B 164 -36.83 -5.20 19.60
N GLU B 165 -36.84 -5.68 18.36
CA GLU B 165 -36.09 -6.87 17.99
C GLU B 165 -34.95 -6.48 17.06
N GLU B 166 -34.73 -5.19 16.91
CA GLU B 166 -33.68 -4.70 16.03
C GLU B 166 -32.43 -4.13 16.70
N LEU B 167 -31.29 -4.30 16.04
CA LEU B 167 -30.02 -3.75 16.48
C LEU B 167 -29.78 -2.75 15.35
N ARG B 168 -29.40 -1.52 15.72
CA ARG B 168 -29.19 -0.48 14.73
C ARG B 168 -27.89 0.27 14.96
N THR B 169 -27.28 0.71 13.87
CA THR B 169 -26.06 1.49 13.93
C THR B 169 -26.31 2.85 13.27
N VAL B 170 -25.71 3.87 13.84
CA VAL B 170 -25.85 5.22 13.31
C VAL B 170 -24.47 5.85 13.37
N ALA B 171 -24.12 6.61 12.32
CA ALA B 171 -22.84 7.28 12.27
C ALA B 171 -23.08 8.62 11.58
N THR B 172 -22.46 9.67 12.08
CA THR B 172 -22.61 10.98 11.49
C THR B 172 -21.42 11.86 11.84
N ASP B 173 -21.10 12.79 10.96
CA ASP B 173 -20.00 13.71 11.20
C ASP B 173 -20.56 15.13 11.29
N GLY B 174 -21.89 15.24 11.18
CA GLY B 174 -22.53 16.54 11.25
C GLY B 174 -23.01 17.05 9.90
N HIS B 175 -22.39 16.55 8.82
CA HIS B 175 -22.74 16.95 7.47
C HIS B 175 -23.54 15.86 6.78
N ARG B 176 -23.21 14.61 7.09
CA ARG B 176 -23.91 13.46 6.54
C ARG B 176 -24.08 12.39 7.61
N LEU B 177 -25.10 11.57 7.46
CA LEU B 177 -25.39 10.51 8.44
C LEU B 177 -25.79 9.21 7.75
N ALA B 178 -25.45 8.09 8.37
CA ALA B 178 -25.82 6.77 7.86
C ALA B 178 -26.53 6.05 9.00
N VAL B 179 -27.57 5.29 8.67
CA VAL B 179 -28.30 4.55 9.68
C VAL B 179 -28.74 3.23 9.07
N CYS B 180 -28.56 2.14 9.82
CA CYS B 180 -28.92 0.81 9.37
C CYS B 180 -29.47 0.04 10.55
N SER B 181 -30.54 -0.71 10.33
CA SER B 181 -31.19 -1.49 11.37
C SER B 181 -31.45 -2.90 10.84
N MET B 182 -31.30 -3.89 11.70
CA MET B 182 -31.52 -5.28 11.31
C MET B 182 -32.20 -6.04 12.44
N PRO B 183 -33.16 -6.91 12.11
CA PRO B 183 -33.81 -7.67 13.17
C PRO B 183 -32.84 -8.75 13.61
N ILE B 184 -32.82 -9.04 14.90
CA ILE B 184 -31.92 -10.06 15.43
C ILE B 184 -32.68 -11.13 16.20
N GLY B 185 -33.98 -11.25 15.88
CA GLY B 185 -34.82 -12.26 16.49
C GLY B 185 -34.82 -12.40 18.00
N GLN B 186 -34.85 -11.27 18.70
CA GLN B 186 -34.86 -11.28 20.16
C GLN B 186 -35.55 -10.01 20.61
N SER B 187 -36.24 -10.08 21.73
CA SER B 187 -36.90 -8.88 22.24
C SER B 187 -35.88 -8.25 23.18
N LEU B 188 -35.37 -7.08 22.81
CA LEU B 188 -34.37 -6.43 23.65
C LEU B 188 -34.84 -5.13 24.28
N PRO B 189 -34.19 -4.73 25.37
CA PRO B 189 -34.56 -3.48 26.04
C PRO B 189 -33.99 -2.33 25.22
N SER B 190 -34.68 -1.19 25.24
CA SER B 190 -34.22 -0.03 24.50
C SER B 190 -32.96 0.44 25.18
N HIS B 191 -31.87 0.46 24.43
CA HIS B 191 -30.59 0.83 24.97
C HIS B 191 -29.68 1.29 23.83
N SER B 192 -28.76 2.20 24.12
CA SER B 192 -27.84 2.66 23.11
C SER B 192 -26.50 3.04 23.74
N VAL B 193 -25.44 2.85 22.97
CA VAL B 193 -24.10 3.19 23.42
C VAL B 193 -23.28 3.63 22.23
N ILE B 194 -22.17 4.30 22.50
CA ILE B 194 -21.32 4.77 21.44
C ILE B 194 -19.99 4.01 21.48
N VAL B 195 -19.66 3.35 20.39
CA VAL B 195 -18.41 2.58 20.30
C VAL B 195 -17.38 3.43 19.59
N PRO B 196 -16.18 3.53 20.18
CA PRO B 196 -15.11 4.33 19.56
C PRO B 196 -14.67 3.80 18.20
N ARG B 197 -14.23 4.71 17.34
CA ARG B 197 -13.77 4.38 15.99
C ARG B 197 -12.85 3.16 15.98
N LYS B 198 -11.86 3.18 16.87
CA LYS B 198 -10.90 2.10 16.99
C LYS B 198 -11.60 0.77 17.30
N GLY B 199 -12.59 0.83 18.20
CA GLY B 199 -13.34 -0.35 18.57
C GLY B 199 -14.20 -0.93 17.45
N VAL B 200 -14.74 -0.04 16.62
CA VAL B 200 -15.56 -0.45 15.50
C VAL B 200 -14.71 -1.26 14.52
N ILE B 201 -13.52 -0.73 14.25
CA ILE B 201 -12.58 -1.37 13.32
C ILE B 201 -12.18 -2.74 13.86
N GLU B 202 -12.02 -2.83 15.17
CA GLU B 202 -11.66 -4.09 15.80
C GLU B 202 -12.78 -5.13 15.73
N LEU B 203 -14.02 -4.70 15.91
CA LEU B 203 -15.17 -5.62 15.85
C LEU B 203 -15.22 -6.26 14.46
N MET B 204 -15.04 -5.43 13.44
CA MET B 204 -15.03 -5.88 12.06
C MET B 204 -13.93 -6.90 11.81
N ARG B 205 -12.73 -6.58 12.28
CA ARG B 205 -11.57 -7.46 12.08
C ARG B 205 -11.76 -8.84 12.70
N MET B 206 -12.51 -8.91 13.80
CA MET B 206 -12.69 -10.20 14.47
C MET B 206 -13.69 -11.14 13.81
N LEU B 207 -14.48 -10.61 12.87
CA LEU B 207 -15.46 -11.43 12.18
C LEU B 207 -14.73 -12.37 11.21
N ASP B 208 -14.93 -13.68 11.39
CA ASP B 208 -14.26 -14.66 10.56
C ASP B 208 -15.06 -15.14 9.35
N GLY B 209 -16.27 -14.60 9.19
CA GLY B 209 -17.11 -14.99 8.06
C GLY B 209 -17.72 -16.39 8.13
N GLY B 210 -17.83 -16.93 9.34
CA GLY B 210 -18.40 -18.26 9.48
C GLY B 210 -19.70 -18.24 10.28
N ASP B 211 -20.15 -19.41 10.70
CA ASP B 211 -21.38 -19.51 11.46
C ASP B 211 -21.24 -19.31 12.96
N ASN B 212 -20.01 -19.18 13.44
CA ASN B 212 -19.77 -18.96 14.88
C ASN B 212 -20.72 -17.85 15.30
N PRO B 213 -21.47 -18.06 16.39
CA PRO B 213 -22.37 -16.98 16.79
C PRO B 213 -21.57 -15.85 17.44
N LEU B 214 -22.09 -14.63 17.35
CA LEU B 214 -21.41 -13.49 17.96
C LEU B 214 -22.17 -13.10 19.23
N ARG B 215 -21.53 -13.26 20.39
CA ARG B 215 -22.18 -12.92 21.65
C ARG B 215 -21.73 -11.53 22.09
N VAL B 216 -22.69 -10.65 22.32
CA VAL B 216 -22.44 -9.28 22.72
C VAL B 216 -22.93 -9.00 24.14
N GLN B 217 -22.11 -8.28 24.90
CA GLN B 217 -22.48 -7.92 26.27
C GLN B 217 -22.22 -6.43 26.38
N ILE B 218 -23.22 -5.69 26.85
CA ILE B 218 -23.07 -4.24 26.99
C ILE B 218 -23.21 -3.78 28.43
N GLY B 219 -22.25 -2.97 28.87
CA GLY B 219 -22.26 -2.44 30.22
C GLY B 219 -22.44 -0.93 30.18
N SER B 220 -22.47 -0.30 31.35
CA SER B 220 -22.64 1.15 31.40
C SER B 220 -21.51 1.85 30.65
N ASN B 221 -20.32 1.26 30.67
CA ASN B 221 -19.19 1.88 30.00
C ASN B 221 -18.32 0.95 29.16
N ASN B 222 -18.80 -0.24 28.85
CA ASN B 222 -18.02 -1.16 28.04
C ASN B 222 -18.90 -2.01 27.13
N ILE B 223 -18.28 -2.56 26.10
CA ILE B 223 -18.96 -3.47 25.20
C ILE B 223 -17.96 -4.61 25.02
N ARG B 224 -18.48 -5.83 24.93
CA ARG B 224 -17.63 -6.99 24.76
C ARG B 224 -18.24 -7.87 23.69
N ALA B 225 -17.40 -8.43 22.83
CA ALA B 225 -17.89 -9.33 21.80
C ALA B 225 -17.08 -10.61 21.85
N HIS B 226 -17.79 -11.75 21.81
CA HIS B 226 -17.16 -13.07 21.85
C HIS B 226 -17.43 -13.82 20.53
N VAL B 227 -16.38 -14.23 19.82
CA VAL B 227 -16.56 -15.02 18.61
C VAL B 227 -15.52 -16.15 18.70
N GLY B 228 -15.98 -17.38 18.66
CA GLY B 228 -15.07 -18.51 18.75
C GLY B 228 -14.21 -18.42 20.01
N ASP B 229 -12.88 -18.48 19.84
CA ASP B 229 -11.98 -18.42 20.98
C ASP B 229 -11.37 -17.02 21.13
N PHE B 230 -12.12 -16.00 20.73
CA PHE B 230 -11.65 -14.61 20.81
C PHE B 230 -12.64 -13.76 21.59
N ILE B 231 -12.11 -12.87 22.43
CA ILE B 231 -12.99 -12.00 23.21
C ILE B 231 -12.44 -10.59 23.10
N PHE B 232 -13.28 -9.69 22.61
CA PHE B 232 -12.94 -8.30 22.42
C PHE B 232 -13.71 -7.44 23.42
N THR B 233 -13.02 -6.49 24.04
CA THR B 233 -13.66 -5.60 25.00
C THR B 233 -13.18 -4.18 24.75
N SER B 234 -14.12 -3.24 24.69
CA SER B 234 -13.77 -1.85 24.47
C SER B 234 -14.50 -0.91 25.43
N LYS B 235 -13.88 0.22 25.73
CA LYS B 235 -14.55 1.20 26.55
C LYS B 235 -15.53 1.88 25.60
N LEU B 236 -16.62 2.39 26.15
CA LEU B 236 -17.62 3.09 25.36
C LEU B 236 -17.26 4.58 25.41
N VAL B 237 -17.82 5.35 24.50
CA VAL B 237 -17.58 6.79 24.47
C VAL B 237 -18.68 7.47 25.29
N ASP B 238 -18.29 8.31 26.25
CA ASP B 238 -19.25 9.03 27.08
C ASP B 238 -19.77 10.24 26.34
N GLY B 239 -20.92 10.10 25.69
CA GLY B 239 -21.47 11.22 24.95
C GLY B 239 -22.98 11.17 24.84
N ARG B 240 -23.53 12.14 24.10
CA ARG B 240 -24.96 12.24 23.88
C ARG B 240 -25.16 12.33 22.37
N PHE B 241 -25.23 11.17 21.74
CA PHE B 241 -25.38 11.07 20.30
C PHE B 241 -26.67 11.73 19.79
N PRO B 242 -26.64 12.25 18.56
CA PRO B 242 -27.84 12.89 17.98
C PRO B 242 -28.87 11.84 17.56
N ASP B 243 -30.12 12.27 17.40
CA ASP B 243 -31.20 11.37 17.03
C ASP B 243 -31.46 11.33 15.52
N TYR B 244 -31.03 10.25 14.88
CA TYR B 244 -31.20 10.09 13.43
C TYR B 244 -32.65 10.33 13.02
N ARG B 245 -33.58 10.06 13.93
CA ARG B 245 -35.01 10.25 13.65
C ARG B 245 -35.30 11.72 13.35
N ARG B 246 -34.54 12.59 14.00
CA ARG B 246 -34.70 14.03 13.90
C ARG B 246 -33.90 14.65 12.75
N VAL B 247 -33.06 13.86 12.09
CA VAL B 247 -32.25 14.35 10.99
C VAL B 247 -32.80 13.90 9.64
N LEU B 248 -33.55 12.80 9.65
CA LEU B 248 -34.12 12.27 8.43
C LEU B 248 -35.00 13.34 7.79
N PRO B 249 -34.81 13.59 6.49
CA PRO B 249 -35.61 14.59 5.78
C PRO B 249 -37.08 14.41 6.10
N LYS B 250 -37.77 15.50 6.42
CA LYS B 250 -39.18 15.43 6.74
C LYS B 250 -40.03 15.30 5.48
N ASN B 251 -40.37 14.05 5.16
CA ASN B 251 -41.20 13.71 4.02
C ASN B 251 -40.76 14.25 2.64
N PRO B 252 -39.81 13.56 1.99
CA PRO B 252 -39.29 13.93 0.67
C PRO B 252 -40.13 13.25 -0.42
N ASP B 253 -41.12 13.98 -0.93
CA ASP B 253 -42.03 13.45 -1.94
C ASP B 253 -41.45 13.15 -3.33
N LYS B 254 -40.40 13.86 -3.73
CA LYS B 254 -39.78 13.66 -5.04
C LYS B 254 -38.79 12.48 -5.08
N HIS B 255 -39.25 11.36 -5.60
CA HIS B 255 -38.44 10.14 -5.69
C HIS B 255 -37.75 9.89 -7.03
N LEU B 256 -36.43 9.83 -7.01
CA LEU B 256 -35.66 9.57 -8.22
C LEU B 256 -34.97 8.22 -8.07
N GLU B 257 -35.13 7.36 -9.06
CA GLU B 257 -34.49 6.05 -9.06
C GLU B 257 -33.56 5.93 -10.25
N ALA B 258 -32.41 5.28 -10.03
CA ALA B 258 -31.43 5.11 -11.10
C ALA B 258 -30.51 3.96 -10.76
N GLY B 259 -29.75 3.51 -11.76
CA GLY B 259 -28.81 2.43 -11.56
C GLY B 259 -27.71 2.96 -10.65
N CYS B 260 -27.35 2.17 -9.65
CA CYS B 260 -26.31 2.59 -8.72
C CYS B 260 -24.95 2.76 -9.37
N ASP B 261 -24.56 1.81 -10.22
CA ASP B 261 -23.27 1.90 -10.89
C ASP B 261 -23.18 3.07 -11.85
N LEU B 262 -24.17 3.19 -12.74
CA LEU B 262 -24.20 4.29 -13.69
C LEU B 262 -24.18 5.62 -12.96
N LEU B 263 -24.94 5.71 -11.87
CA LEU B 263 -25.01 6.94 -11.10
C LEU B 263 -23.66 7.22 -10.44
N LYS B 264 -23.05 6.19 -9.88
CA LYS B 264 -21.75 6.30 -9.23
C LYS B 264 -20.67 6.69 -10.25
N GLN B 265 -20.67 6.01 -11.39
CA GLN B 265 -19.69 6.29 -12.43
C GLN B 265 -19.82 7.71 -12.96
N ALA B 266 -21.04 8.21 -13.06
CA ALA B 266 -21.25 9.56 -13.55
C ALA B 266 -20.71 10.55 -12.52
N PHE B 267 -21.00 10.29 -11.24
CA PHE B 267 -20.54 11.17 -10.17
C PHE B 267 -19.03 11.13 -10.04
N ALA B 268 -18.46 9.92 -10.18
CA ALA B 268 -17.02 9.73 -10.10
C ALA B 268 -16.30 10.59 -11.14
N ARG B 269 -16.78 10.56 -12.37
CA ARG B 269 -16.18 11.34 -13.46
C ARG B 269 -16.31 12.86 -13.25
N ALA B 270 -17.51 13.32 -12.89
CA ALA B 270 -17.75 14.74 -12.67
C ALA B 270 -16.91 15.31 -11.53
N ALA B 271 -16.67 14.49 -10.51
CA ALA B 271 -15.88 14.90 -9.35
C ALA B 271 -14.43 15.24 -9.71
N ILE B 272 -13.97 14.71 -10.83
CA ILE B 272 -12.60 14.97 -11.28
C ILE B 272 -12.36 16.47 -11.49
N LEU B 273 -13.38 17.14 -12.01
CA LEU B 273 -13.27 18.58 -12.28
C LEU B 273 -13.93 19.46 -11.21
N SER B 274 -14.13 18.92 -10.01
CA SER B 274 -14.75 19.70 -8.95
C SER B 274 -13.67 20.32 -8.08
N ASN B 275 -14.04 21.35 -7.32
CA ASN B 275 -13.11 22.04 -6.42
C ASN B 275 -12.39 21.01 -5.54
N GLU B 276 -11.06 21.00 -5.58
CA GLU B 276 -10.28 20.07 -4.78
C GLU B 276 -10.38 20.31 -3.28
N LYS B 277 -11.22 21.27 -2.89
CA LYS B 277 -11.41 21.59 -1.48
C LYS B 277 -12.84 21.35 -1.05
N PHE B 278 -13.77 22.03 -1.71
CA PHE B 278 -15.19 21.91 -1.39
C PHE B 278 -15.83 20.72 -2.09
N ARG B 279 -15.17 20.23 -3.13
CA ARG B 279 -15.65 19.07 -3.88
C ARG B 279 -17.12 19.16 -4.27
N GLY B 280 -17.59 20.37 -4.55
CA GLY B 280 -18.99 20.55 -4.90
C GLY B 280 -19.39 20.17 -6.32
N VAL B 281 -20.59 19.60 -6.44
CA VAL B 281 -21.14 19.20 -7.73
C VAL B 281 -22.60 19.62 -7.72
N ARG B 282 -23.17 19.86 -8.90
CA ARG B 282 -24.55 20.29 -8.98
C ARG B 282 -25.42 19.31 -9.75
N LEU B 283 -26.62 19.07 -9.21
CA LEU B 283 -27.56 18.14 -9.83
C LEU B 283 -28.77 18.88 -10.37
N TYR B 284 -29.19 18.52 -11.58
CA TYR B 284 -30.35 19.12 -12.20
C TYR B 284 -31.30 17.98 -12.49
N VAL B 285 -32.39 17.92 -11.73
CA VAL B 285 -33.35 16.85 -11.93
C VAL B 285 -34.55 17.33 -12.71
N SER B 286 -34.96 16.54 -13.70
CA SER B 286 -36.10 16.85 -14.54
C SER B 286 -36.76 15.56 -14.97
N GLU B 287 -37.79 15.67 -15.79
CA GLU B 287 -38.51 14.50 -16.28
C GLU B 287 -37.55 13.39 -16.69
N ASN B 288 -37.56 12.29 -15.95
CA ASN B 288 -36.73 11.12 -16.23
C ASN B 288 -35.27 11.40 -16.59
N GLN B 289 -34.70 12.47 -16.06
CA GLN B 289 -33.31 12.77 -16.39
C GLN B 289 -32.57 13.44 -15.25
N LEU B 290 -31.25 13.27 -15.25
CA LEU B 290 -30.39 13.86 -14.24
C LEU B 290 -29.13 14.39 -14.91
N LYS B 291 -28.78 15.64 -14.61
CA LYS B 291 -27.59 16.24 -15.18
C LYS B 291 -26.69 16.65 -14.04
N ILE B 292 -25.49 16.09 -14.00
CA ILE B 292 -24.53 16.39 -12.95
C ILE B 292 -23.45 17.27 -13.55
N THR B 293 -23.23 18.44 -12.96
CA THR B 293 -22.23 19.34 -13.46
C THR B 293 -21.20 19.62 -12.38
N ALA B 294 -20.02 20.05 -12.82
CA ALA B 294 -18.93 20.36 -11.91
C ALA B 294 -17.92 21.31 -12.56
N ASN B 295 -17.38 22.23 -11.77
CA ASN B 295 -16.37 23.16 -12.25
C ASN B 295 -15.43 23.52 -11.11
N ASN B 296 -14.21 23.92 -11.45
CA ASN B 296 -13.21 24.28 -10.47
C ASN B 296 -12.68 25.70 -10.67
N PRO B 297 -11.67 26.10 -9.88
CA PRO B 297 -11.12 27.45 -10.07
C PRO B 297 -10.51 27.65 -11.45
N GLU B 298 -9.82 26.62 -11.94
CA GLU B 298 -9.17 26.66 -13.25
C GLU B 298 -10.18 26.86 -14.36
N GLN B 299 -11.46 26.95 -14.01
CA GLN B 299 -12.53 27.15 -14.97
C GLN B 299 -12.80 25.92 -15.83
N GLU B 300 -12.45 24.75 -15.32
CA GLU B 300 -12.69 23.50 -16.03
C GLU B 300 -14.11 23.08 -15.68
N GLU B 301 -14.76 22.35 -16.59
CA GLU B 301 -16.13 21.94 -16.38
C GLU B 301 -16.40 20.51 -16.85
N ALA B 302 -17.22 19.80 -16.08
CA ALA B 302 -17.60 18.44 -16.41
C ALA B 302 -19.12 18.37 -16.42
N GLU B 303 -19.67 17.57 -17.32
CA GLU B 303 -21.10 17.41 -17.42
C GLU B 303 -21.47 15.97 -17.73
N GLU B 304 -22.40 15.42 -16.96
CA GLU B 304 -22.89 14.06 -17.15
C GLU B 304 -24.41 14.09 -17.27
N ILE B 305 -24.95 13.31 -18.19
CA ILE B 305 -26.38 13.23 -18.35
C ILE B 305 -26.78 11.75 -18.37
N LEU B 306 -27.84 11.42 -17.65
CA LEU B 306 -28.30 10.04 -17.62
C LEU B 306 -29.80 9.91 -17.45
N ASP B 307 -30.34 8.83 -17.99
CA ASP B 307 -31.77 8.58 -17.87
C ASP B 307 -32.03 7.97 -16.51
N VAL B 308 -33.09 8.44 -15.86
CA VAL B 308 -33.47 7.95 -14.55
C VAL B 308 -34.99 7.92 -14.51
N THR B 309 -35.55 7.46 -13.40
CA THR B 309 -37.01 7.45 -13.26
C THR B 309 -37.34 8.61 -12.33
N TYR B 310 -38.06 9.59 -12.85
CA TYR B 310 -38.45 10.75 -12.07
C TYR B 310 -39.66 11.46 -12.67
N SER B 311 -40.72 11.59 -11.88
CA SER B 311 -41.95 12.24 -12.32
C SER B 311 -42.24 13.53 -11.55
N GLY B 312 -41.44 13.81 -10.54
CA GLY B 312 -41.65 15.01 -9.74
C GLY B 312 -41.40 16.30 -10.49
N ALA B 313 -41.11 17.36 -9.74
CA ALA B 313 -40.86 18.69 -10.28
C ALA B 313 -39.36 18.98 -10.42
N GLU B 314 -39.01 19.88 -11.35
CA GLU B 314 -37.61 20.24 -11.58
C GLU B 314 -36.97 21.07 -10.46
N MET B 315 -35.69 20.79 -10.19
CA MET B 315 -34.95 21.51 -9.16
C MET B 315 -33.45 21.34 -9.34
N GLU B 316 -32.69 22.30 -8.80
CA GLU B 316 -31.24 22.29 -8.86
C GLU B 316 -30.72 22.25 -7.44
N ILE B 317 -29.92 21.24 -7.11
CA ILE B 317 -29.38 21.11 -5.77
C ILE B 317 -27.90 20.74 -5.82
N GLY B 318 -27.13 21.28 -4.89
CA GLY B 318 -25.71 21.01 -4.85
C GLY B 318 -25.36 20.06 -3.73
N PHE B 319 -24.32 19.26 -3.95
CA PHE B 319 -23.86 18.31 -2.95
C PHE B 319 -22.36 18.10 -3.03
N ASN B 320 -21.78 17.71 -1.91
CA ASN B 320 -20.37 17.39 -1.84
C ASN B 320 -20.33 16.01 -2.48
N VAL B 321 -19.72 15.91 -3.67
CA VAL B 321 -19.66 14.65 -4.41
C VAL B 321 -19.03 13.47 -3.65
N SER B 322 -18.14 13.75 -2.71
CA SER B 322 -17.52 12.68 -1.93
C SER B 322 -18.55 12.04 -1.01
N TYR B 323 -19.42 12.87 -0.41
CA TYR B 323 -20.44 12.36 0.48
C TYR B 323 -21.37 11.46 -0.32
N VAL B 324 -21.70 11.89 -1.54
CA VAL B 324 -22.58 11.12 -2.41
C VAL B 324 -21.89 9.83 -2.85
N LEU B 325 -20.61 9.93 -3.18
CA LEU B 325 -19.85 8.76 -3.60
C LEU B 325 -19.71 7.75 -2.46
N ASP B 326 -19.44 8.23 -1.25
CA ASP B 326 -19.32 7.32 -0.10
C ASP B 326 -20.57 6.46 0.04
N VAL B 327 -21.73 7.08 -0.12
CA VAL B 327 -22.99 6.37 0.00
C VAL B 327 -23.17 5.32 -1.10
N LEU B 328 -23.00 5.74 -2.35
CA LEU B 328 -23.16 4.83 -3.48
C LEU B 328 -22.14 3.72 -3.44
N ASN B 329 -20.95 4.01 -2.90
CA ASN B 329 -19.91 2.99 -2.78
C ASN B 329 -20.24 2.01 -1.66
N ALA B 330 -21.03 2.45 -0.68
CA ALA B 330 -21.42 1.59 0.43
C ALA B 330 -22.57 0.71 0.00
N LEU B 331 -23.47 1.25 -0.81
CA LEU B 331 -24.60 0.50 -1.30
C LEU B 331 -24.05 -0.46 -2.36
N LYS B 332 -24.38 -1.74 -2.24
CA LYS B 332 -23.91 -2.73 -3.19
C LYS B 332 -25.15 -3.29 -3.88
N CYS B 333 -26.02 -2.40 -4.33
CA CYS B 333 -27.27 -2.79 -4.96
C CYS B 333 -27.39 -2.41 -6.43
N GLU B 334 -28.46 -2.89 -7.05
CA GLU B 334 -28.74 -2.63 -8.46
C GLU B 334 -29.22 -1.20 -8.67
N ASN B 335 -30.23 -0.79 -7.90
CA ASN B 335 -30.77 0.56 -8.03
C ASN B 335 -30.86 1.32 -6.72
N VAL B 336 -30.65 2.63 -6.83
CA VAL B 336 -30.69 3.49 -5.66
C VAL B 336 -31.84 4.49 -5.79
N ARG B 337 -32.41 4.86 -4.64
CA ARG B 337 -33.48 5.83 -4.63
C ARG B 337 -33.00 7.07 -3.90
N MET B 338 -33.18 8.22 -4.53
CA MET B 338 -32.81 9.49 -3.91
C MET B 338 -34.12 10.22 -3.59
N MET B 339 -34.26 10.64 -2.33
CA MET B 339 -35.48 11.33 -1.89
C MET B 339 -35.19 12.78 -1.55
N LEU B 340 -35.57 13.69 -2.45
CA LEU B 340 -35.34 15.11 -2.23
C LEU B 340 -36.63 15.86 -1.91
N THR B 341 -36.47 17.07 -1.38
CA THR B 341 -37.61 17.89 -1.02
C THR B 341 -37.50 19.22 -1.77
N ASP B 342 -36.34 19.85 -1.64
CA ASP B 342 -36.05 21.12 -2.29
C ASP B 342 -34.55 21.31 -2.38
N SER B 343 -34.13 22.49 -2.85
CA SER B 343 -32.71 22.79 -3.00
C SER B 343 -31.96 23.13 -1.71
N VAL B 344 -32.70 23.53 -0.68
CA VAL B 344 -32.05 23.88 0.58
C VAL B 344 -32.20 22.77 1.61
N SER B 345 -32.81 21.66 1.21
CA SER B 345 -33.01 20.53 2.12
C SER B 345 -32.02 19.40 1.85
N SER B 346 -31.81 18.56 2.86
CA SER B 346 -30.89 17.44 2.72
C SER B 346 -31.60 16.36 1.91
N VAL B 347 -30.85 15.43 1.34
CA VAL B 347 -31.44 14.35 0.56
C VAL B 347 -31.28 13.03 1.32
N GLN B 348 -32.24 12.12 1.15
CA GLN B 348 -32.17 10.82 1.78
C GLN B 348 -31.98 9.82 0.64
N ILE B 349 -30.98 8.94 0.79
CA ILE B 349 -30.65 7.96 -0.21
C ILE B 349 -30.82 6.55 0.36
N GLU B 350 -31.36 5.66 -0.46
CA GLU B 350 -31.61 4.28 -0.06
C GLU B 350 -31.49 3.32 -1.24
N ASP B 351 -31.30 2.04 -0.92
CA ASP B 351 -31.24 1.00 -1.94
C ASP B 351 -32.72 1.07 -2.38
N ALA B 352 -32.97 1.09 -3.68
CA ALA B 352 -34.35 1.18 -4.16
C ALA B 352 -35.18 0.00 -3.70
N ALA B 353 -34.51 -1.10 -3.35
CA ALA B 353 -35.19 -2.32 -2.93
C ALA B 353 -35.09 -2.62 -1.45
N SER B 354 -34.48 -1.73 -0.66
CA SER B 354 -34.36 -1.98 0.77
C SER B 354 -34.33 -0.71 1.60
N GLN B 355 -35.15 -0.67 2.65
CA GLN B 355 -35.20 0.49 3.54
C GLN B 355 -34.39 0.18 4.80
N SER B 356 -33.69 -0.95 4.77
CA SER B 356 -32.88 -1.40 5.90
C SER B 356 -31.81 -0.37 6.29
N ALA B 357 -31.29 0.35 5.30
CA ALA B 357 -30.28 1.37 5.54
C ALA B 357 -30.73 2.66 4.85
N ALA B 358 -30.50 3.78 5.53
CA ALA B 358 -30.86 5.07 4.98
C ALA B 358 -29.67 6.01 5.14
N TYR B 359 -29.52 6.94 4.21
CA TYR B 359 -28.43 7.88 4.23
C TYR B 359 -28.96 9.30 4.02
N VAL B 360 -28.46 10.25 4.80
CA VAL B 360 -28.87 11.65 4.70
C VAL B 360 -27.66 12.54 4.45
N VAL B 361 -27.75 13.38 3.42
CA VAL B 361 -26.66 14.29 3.07
C VAL B 361 -27.15 15.71 2.99
N MET B 362 -26.49 16.62 3.70
CA MET B 362 -26.87 18.01 3.65
C MET B 362 -26.38 18.62 2.35
N PRO B 363 -27.25 19.34 1.64
CA PRO B 363 -26.87 19.95 0.37
C PRO B 363 -25.86 21.07 0.60
N MET B 364 -25.24 21.53 -0.48
CA MET B 364 -24.28 22.61 -0.39
C MET B 364 -24.95 23.90 -0.82
N ARG B 365 -24.73 24.97 -0.06
CA ARG B 365 -25.30 26.28 -0.37
C ARG B 365 -24.78 26.74 -1.73
N LEU B 366 -25.69 27.03 -2.65
CA LEU B 366 -25.31 27.48 -3.99
C LEU B 366 -24.92 28.97 -3.98
N GLY C 5 31.14 0.44 14.02
CA GLY C 5 30.01 0.77 13.10
C GLY C 5 30.29 0.37 11.66
N GLN C 6 29.44 0.84 10.75
CA GLN C 6 29.58 0.54 9.33
C GLN C 6 30.89 1.02 8.71
N LEU C 7 31.49 0.17 7.90
CA LEU C 7 32.74 0.50 7.22
C LEU C 7 32.40 0.92 5.79
N GLY C 8 33.36 1.55 5.11
CA GLY C 8 33.13 1.99 3.75
C GLY C 8 33.97 1.27 2.71
N LEU C 9 33.37 0.98 1.57
CA LEU C 9 34.05 0.31 0.47
C LEU C 9 35.08 1.24 -0.16
N PHE C 10 34.74 2.52 -0.25
CA PHE C 10 35.61 3.52 -0.84
C PHE C 10 35.28 4.91 -0.29
#